data_3BP8
#
_entry.id   3BP8
#
_cell.length_a   201.427
_cell.length_b   55.424
_cell.length_c   82.460
_cell.angle_alpha   90.00
_cell.angle_beta   95.29
_cell.angle_gamma   90.00
#
_symmetry.space_group_name_H-M   'C 1 2 1'
#
loop_
_entity.id
_entity.type
_entity.pdbx_description
1 polymer 'Putative NAGC-like transcriptional regulator'
2 polymer 'PTS system glucose-specific EIICB component'
3 non-polymer 'ACETATE ION'
4 non-polymer 'ZINC ION'
#
loop_
_entity_poly.entity_id
_entity_poly.type
_entity_poly.pdbx_seq_one_letter_code
_entity_poly.pdbx_strand_id
1 'polypeptide(L)'
;MVAENQPGHIDQIKQTNAGAVYRLIDQLGPVSRIDLSRLAQLAPASITKIVREMLEAHLVQELEIKEAGNRGRPAVGLVV
ETEAWHYLSLRISRGEIFLALRDLSSKLVVEESQELALKDDSPLLDRIISHIDQFFIRHQKKLERLTSIAITLPGIIDTE
NGIVHRMPFYEDVKEMPLGEALEQHTGVPVYIQHDISAWTMAEALFGASRGARDVIQVVIDHNVGAGVITDGHLLHAGSS
SLVEIGHTQVDPYGKRCYCGNHGCLETIASVDSILELAQLRLNQSMSSMLHGQPLTVDSLCQAALRGDLLAKDIITGVGA
HVGRILAIMVNLFNPQKILIGSPLSKAADILFPVISDSIRQQALPAYSQHISVESTQFSNQGTMAGAALVKDAMYNGSLL
IRLLQG
;
A,B
2 'polypeptide(L)' MAPALVAAFGGKENITNLDACITRLRVSVADVSKVDQAGLKKLGAAGVVVAGSGVQAIFGTKSDNLKTEMDEYIR C,D
#
# COMPACT_ATOMS: atom_id res chain seq x y z
N ASP A 11 12.59 13.59 23.99
CA ASP A 11 11.47 13.76 23.02
C ASP A 11 10.81 12.43 22.65
N GLN A 12 9.54 12.49 22.25
CA GLN A 12 8.80 11.30 21.86
C GLN A 12 7.76 11.61 20.76
N ILE A 13 7.09 12.75 20.92
CA ILE A 13 6.09 13.24 19.97
C ILE A 13 6.73 14.50 19.39
N LYS A 14 7.72 15.02 20.11
CA LYS A 14 8.44 16.21 19.67
C LYS A 14 9.25 15.75 18.49
N GLN A 15 9.55 14.46 18.46
CA GLN A 15 10.32 13.84 17.40
C GLN A 15 9.50 13.74 16.13
N THR A 16 8.29 13.22 16.20
CA THR A 16 7.48 13.14 14.98
C THR A 16 6.93 14.51 14.67
N ASN A 17 6.60 15.27 15.71
CA ASN A 17 6.07 16.61 15.54
C ASN A 17 7.08 17.44 14.77
N ALA A 18 8.37 17.22 15.06
CA ALA A 18 9.47 17.95 14.41
C ALA A 18 9.68 17.53 12.98
N GLY A 19 9.74 16.22 12.78
CA GLY A 19 9.95 15.68 11.45
C GLY A 19 8.80 15.93 10.51
N ALA A 20 7.70 16.47 11.04
CA ALA A 20 6.56 16.78 10.20
C ALA A 20 6.76 18.17 9.65
N VAL A 21 7.21 19.09 10.49
CA VAL A 21 7.45 20.47 10.04
C VAL A 21 8.57 20.45 8.97
N TYR A 22 9.56 19.58 9.14
CA TYR A 22 10.66 19.46 8.19
C TYR A 22 10.12 18.92 6.87
N ARG A 23 9.29 17.89 6.98
CA ARG A 23 8.73 17.30 5.79
C ARG A 23 7.97 18.35 5.01
N LEU A 24 7.27 19.25 5.70
CA LEU A 24 6.50 20.27 5.00
C LEU A 24 7.38 21.32 4.37
N ILE A 25 8.50 21.61 5.01
CA ILE A 25 9.44 22.61 4.50
C ILE A 25 10.38 22.06 3.43
N ASP A 26 10.54 20.75 3.38
CA ASP A 26 11.41 20.10 2.40
C ASP A 26 10.66 19.90 1.10
N GLN A 27 9.35 19.74 1.20
CA GLN A 27 8.54 19.50 0.02
C GLN A 27 7.72 20.71 -0.44
N LEU A 28 7.28 21.54 0.51
CA LEU A 28 6.45 22.71 0.19
C LEU A 28 7.17 24.04 0.34
N GLY A 29 8.38 24.04 0.90
CA GLY A 29 9.11 25.27 1.09
C GLY A 29 9.14 26.10 -0.19
N PRO A 30 9.23 27.44 -0.11
CA PRO A 30 9.30 28.22 1.14
C PRO A 30 7.93 28.48 1.77
N VAL A 31 7.69 27.91 2.95
CA VAL A 31 6.42 28.16 3.60
C VAL A 31 6.62 29.07 4.78
N SER A 32 5.53 29.67 5.22
CA SER A 32 5.54 30.60 6.33
C SER A 32 5.23 29.91 7.65
N ARG A 33 5.71 30.51 8.74
CA ARG A 33 5.50 29.99 10.09
C ARG A 33 4.01 29.70 10.18
N ILE A 34 3.22 30.63 9.67
CA ILE A 34 1.77 30.51 9.71
C ILE A 34 1.35 29.33 8.85
N ASP A 35 1.87 29.26 7.64
CA ASP A 35 1.54 28.18 6.71
C ASP A 35 1.80 26.83 7.37
N LEU A 36 2.90 26.75 8.10
CA LEU A 36 3.29 25.52 8.78
C LEU A 36 2.33 25.16 9.93
N SER A 37 1.83 26.16 10.64
CA SER A 37 0.93 25.91 11.75
C SER A 37 -0.44 25.48 11.23
N ARG A 38 -0.67 25.80 9.97
CA ARG A 38 -1.94 25.49 9.31
C ARG A 38 -1.87 24.13 8.61
N LEU A 39 -0.70 23.84 8.02
CA LEU A 39 -0.51 22.59 7.29
C LEU A 39 -0.27 21.39 8.19
N ALA A 40 0.63 21.55 9.14
CA ALA A 40 0.96 20.47 10.05
C ALA A 40 -0.15 20.32 11.09
N GLN A 41 -0.98 21.35 11.22
CA GLN A 41 -2.07 21.33 12.20
C GLN A 41 -1.54 21.18 13.63
N LEU A 42 -0.41 21.81 13.91
CA LEU A 42 0.20 21.75 15.23
C LEU A 42 0.05 23.12 15.85
N ALA A 43 0.32 23.22 17.15
CA ALA A 43 0.20 24.48 17.88
C ALA A 43 1.10 25.64 17.36
N PRO A 44 0.52 26.83 17.15
CA PRO A 44 1.25 28.01 16.67
C PRO A 44 2.57 28.26 17.36
N ALA A 45 2.56 28.28 18.69
CA ALA A 45 3.78 28.52 19.44
C ALA A 45 4.68 27.29 19.39
N SER A 46 4.08 26.14 19.10
CA SER A 46 4.79 24.88 19.02
C SER A 46 5.54 24.81 17.71
N ILE A 47 5.03 25.54 16.73
CA ILE A 47 5.65 25.59 15.41
C ILE A 47 6.90 26.47 15.52
N THR A 48 6.74 27.67 16.08
CA THR A 48 7.85 28.61 16.23
C THR A 48 9.02 27.98 16.99
N LYS A 49 8.73 27.10 17.94
CA LYS A 49 9.77 26.46 18.72
C LYS A 49 10.63 25.53 17.85
N ILE A 50 9.96 24.56 17.25
CA ILE A 50 10.62 23.60 16.40
C ILE A 50 11.41 24.31 15.30
N VAL A 51 10.74 25.22 14.59
CA VAL A 51 11.37 25.96 13.50
C VAL A 51 12.61 26.67 13.97
N ARG A 52 12.50 27.37 15.09
CA ARG A 52 13.63 28.10 15.64
C ARG A 52 14.82 27.21 15.96
N GLU A 53 14.55 25.98 16.38
CA GLU A 53 15.62 25.02 16.70
C GLU A 53 16.39 24.63 15.45
N MET A 54 15.65 24.35 14.38
CA MET A 54 16.23 23.99 13.09
C MET A 54 17.01 25.20 12.54
N LEU A 55 16.44 26.39 12.75
CA LEU A 55 17.07 27.64 12.30
C LEU A 55 18.41 27.82 12.99
N GLU A 56 18.48 27.41 14.25
CA GLU A 56 19.70 27.54 15.03
C GLU A 56 20.69 26.42 14.77
N ALA A 57 20.19 25.21 14.52
CA ALA A 57 21.10 24.10 14.27
C ALA A 57 21.49 24.03 12.80
N HIS A 58 21.06 25.03 12.03
CA HIS A 58 21.35 25.13 10.59
C HIS A 58 20.80 23.97 9.75
N LEU A 59 19.50 23.72 9.85
CA LEU A 59 18.90 22.65 9.05
C LEU A 59 17.89 23.30 8.11
N VAL A 60 17.40 24.47 8.50
CA VAL A 60 16.45 25.26 7.71
C VAL A 60 16.97 26.68 7.78
N GLN A 61 16.60 27.54 6.83
CA GLN A 61 17.06 28.91 6.90
C GLN A 61 15.97 29.85 6.41
N GLU A 62 16.03 31.11 6.83
CA GLU A 62 15.04 32.09 6.44
C GLU A 62 15.39 32.79 5.12
N LEU A 63 14.46 32.72 4.17
CA LEU A 63 14.62 33.31 2.84
C LEU A 63 14.54 34.86 2.86
N GLU A 64 15.40 35.47 3.68
CA GLU A 64 15.45 36.92 3.84
C GLU A 64 16.91 37.32 3.78
N VAL A 76 8.10 33.63 7.62
CA VAL A 76 7.96 34.15 6.25
C VAL A 76 9.16 33.73 5.43
N GLY A 77 8.95 32.71 4.62
CA GLY A 77 9.99 32.19 3.77
C GLY A 77 10.94 31.26 4.48
N LEU A 78 10.58 29.99 4.61
CA LEU A 78 11.46 29.00 5.25
C LEU A 78 11.70 27.89 4.26
N VAL A 79 12.96 27.51 4.08
CA VAL A 79 13.31 26.44 3.15
C VAL A 79 14.53 25.64 3.64
N VAL A 80 14.43 24.32 3.70
CA VAL A 80 15.53 23.48 4.17
C VAL A 80 16.92 23.86 3.72
N GLU A 81 17.90 23.51 4.56
CA GLU A 81 19.29 23.75 4.28
C GLU A 81 19.91 22.37 4.23
N THR A 82 20.44 22.03 3.06
CA THR A 82 21.01 20.71 2.83
C THR A 82 22.49 20.63 2.42
N GLU A 83 23.00 21.64 1.73
CA GLU A 83 24.40 21.61 1.24
C GLU A 83 25.50 21.16 2.23
N ALA A 84 25.53 21.76 3.41
CA ALA A 84 26.54 21.45 4.41
C ALA A 84 26.47 20.07 5.08
N TRP A 85 25.34 19.36 4.98
CA TRP A 85 25.15 18.02 5.58
C TRP A 85 25.28 16.88 4.58
N HIS A 86 26.09 15.87 4.89
CA HIS A 86 26.22 14.75 3.96
C HIS A 86 25.90 13.41 4.60
N TYR A 87 25.56 12.43 3.80
CA TYR A 87 25.32 11.10 4.34
C TYR A 87 26.02 10.18 3.38
N LEU A 88 26.35 8.98 3.82
CA LEU A 88 27.00 8.02 2.97
C LEU A 88 25.98 6.99 2.49
N SER A 89 25.76 6.96 1.20
CA SER A 89 24.84 5.99 0.66
C SER A 89 25.67 4.98 -0.12
N LEU A 90 25.63 3.73 0.34
CA LEU A 90 26.38 2.67 -0.31
C LEU A 90 25.54 1.39 -0.48
N ARG A 91 25.59 0.81 -1.68
CA ARG A 91 24.87 -0.41 -1.97
C ARG A 91 25.84 -1.48 -2.44
N ILE A 92 25.70 -2.65 -1.84
CA ILE A 92 26.53 -3.81 -2.09
C ILE A 92 25.75 -4.85 -2.91
N SER A 93 26.16 -5.05 -4.16
CA SER A 93 25.48 -6.00 -5.04
C SER A 93 26.45 -6.83 -5.86
N ARG A 94 26.74 -8.04 -5.39
CA ARG A 94 27.62 -8.99 -6.06
C ARG A 94 29.05 -8.53 -6.35
N GLY A 95 29.97 -8.92 -5.47
CA GLY A 95 31.38 -8.58 -5.65
C GLY A 95 31.75 -7.14 -5.96
N GLU A 96 30.83 -6.22 -5.71
CA GLU A 96 31.05 -4.79 -5.95
C GLU A 96 30.38 -3.95 -4.87
N ILE A 97 31.07 -2.91 -4.41
CA ILE A 97 30.51 -2.03 -3.43
C ILE A 97 30.59 -0.64 -4.02
N PHE A 98 29.48 0.09 -3.97
CA PHE A 98 29.40 1.44 -4.52
C PHE A 98 29.21 2.47 -3.40
N LEU A 99 30.19 3.34 -3.20
CA LEU A 99 30.04 4.33 -2.15
C LEU A 99 29.95 5.76 -2.66
N ALA A 100 29.01 6.52 -2.11
CA ALA A 100 28.82 7.92 -2.48
C ALA A 100 28.47 8.79 -1.27
N LEU A 101 28.81 10.07 -1.36
CA LEU A 101 28.50 11.06 -0.34
C LEU A 101 27.39 11.89 -0.96
N ARG A 102 26.34 12.16 -0.22
CA ARG A 102 25.26 12.96 -0.77
C ARG A 102 24.71 13.95 0.24
N ASP A 103 24.02 14.97 -0.29
CA ASP A 103 23.34 16.02 0.48
C ASP A 103 22.09 15.47 1.18
N LEU A 104 21.53 16.24 2.09
CA LEU A 104 20.30 15.83 2.75
C LEU A 104 19.15 15.99 1.74
N SER A 105 19.48 16.44 0.54
CA SER A 105 18.50 16.58 -0.54
C SER A 105 18.80 15.37 -1.42
N SER A 106 19.92 14.72 -1.13
CA SER A 106 20.38 13.54 -1.82
C SER A 106 21.18 13.82 -3.09
N LYS A 107 21.52 15.08 -3.32
CA LYS A 107 22.34 15.47 -4.47
C LYS A 107 23.68 14.83 -4.18
N LEU A 108 24.33 14.24 -5.17
CA LEU A 108 25.60 13.60 -4.84
C LEU A 108 26.73 14.59 -4.87
N VAL A 109 27.86 14.15 -4.31
CA VAL A 109 29.10 14.93 -4.22
C VAL A 109 30.21 14.18 -4.97
N VAL A 110 30.31 12.89 -4.70
CA VAL A 110 31.31 11.99 -5.32
C VAL A 110 30.84 10.55 -5.22
N GLU A 111 31.06 9.76 -6.27
CA GLU A 111 30.65 8.37 -6.26
C GLU A 111 31.83 7.54 -6.70
N GLU A 112 31.90 6.30 -6.25
CA GLU A 112 33.03 5.46 -6.59
C GLU A 112 32.60 4.00 -6.44
N SER A 113 33.09 3.13 -7.29
CA SER A 113 32.73 1.72 -7.19
C SER A 113 33.97 0.90 -6.88
N GLN A 114 33.91 0.09 -5.83
CA GLN A 114 35.06 -0.71 -5.45
C GLN A 114 34.76 -2.19 -5.69
N GLU A 115 35.50 -3.07 -5.02
CA GLU A 115 35.34 -4.52 -5.19
C GLU A 115 35.06 -5.23 -3.85
N LEU A 116 34.92 -6.55 -3.89
CA LEU A 116 34.68 -7.33 -2.69
C LEU A 116 35.05 -8.82 -2.88
N ALA A 117 35.42 -9.18 -4.11
CA ALA A 117 35.85 -10.54 -4.42
C ALA A 117 34.86 -11.71 -4.25
N LEU A 118 34.06 -11.66 -3.18
CA LEU A 118 33.06 -12.70 -2.84
C LEU A 118 33.66 -13.69 -1.84
N LYS A 119 34.80 -14.29 -2.20
CA LYS A 119 35.50 -15.24 -1.31
C LYS A 119 36.80 -14.56 -0.88
N ASP A 120 37.16 -14.67 0.40
CA ASP A 120 38.39 -14.04 0.87
C ASP A 120 38.81 -14.54 2.25
N ASP A 121 40.09 -14.40 2.55
CA ASP A 121 40.67 -14.83 3.82
C ASP A 121 40.13 -13.96 4.98
N SER A 122 39.66 -12.76 4.65
CA SER A 122 39.08 -11.82 5.63
C SER A 122 37.57 -11.73 5.43
N PRO A 123 36.79 -11.80 6.53
CA PRO A 123 35.32 -11.73 6.43
C PRO A 123 34.84 -10.51 5.63
N LEU A 124 33.62 -10.60 5.13
CA LEU A 124 33.00 -9.51 4.37
C LEU A 124 32.70 -8.33 5.30
N LEU A 125 32.21 -8.65 6.49
CA LEU A 125 31.84 -7.70 7.52
C LEU A 125 32.91 -6.66 7.71
N ASP A 126 34.15 -7.11 7.78
CA ASP A 126 35.26 -6.20 7.99
C ASP A 126 35.82 -5.60 6.72
N ARG A 127 35.64 -6.28 5.59
CA ARG A 127 36.14 -5.76 4.32
C ARG A 127 35.29 -4.55 3.92
N ILE A 128 34.00 -4.62 4.24
CA ILE A 128 33.07 -3.52 3.96
C ILE A 128 33.53 -2.29 4.77
N ILE A 129 33.77 -2.45 6.07
CA ILE A 129 34.23 -1.34 6.92
C ILE A 129 35.51 -0.71 6.36
N SER A 130 36.38 -1.51 5.79
CA SER A 130 37.61 -0.98 5.24
C SER A 130 37.34 0.00 4.11
N HIS A 131 36.54 -0.42 3.14
CA HIS A 131 36.26 0.46 2.02
C HIS A 131 35.75 1.80 2.53
N ILE A 132 34.82 1.76 3.48
CA ILE A 132 34.23 2.95 4.08
C ILE A 132 35.34 3.84 4.64
N ASP A 133 36.34 3.22 5.25
CA ASP A 133 37.42 4.02 5.78
C ASP A 133 38.22 4.51 4.60
N GLN A 134 38.52 3.64 3.66
CA GLN A 134 39.28 4.04 2.50
C GLN A 134 38.60 5.21 1.81
N PHE A 135 37.28 5.11 1.59
CA PHE A 135 36.50 6.15 0.94
C PHE A 135 36.62 7.48 1.67
N PHE A 136 36.43 7.45 2.98
CA PHE A 136 36.51 8.69 3.76
C PHE A 136 37.89 9.37 3.74
N ILE A 137 38.95 8.58 3.90
CA ILE A 137 40.27 9.14 3.90
C ILE A 137 40.48 9.98 2.64
N ARG A 138 40.43 9.33 1.47
CA ARG A 138 40.63 10.05 0.23
C ARG A 138 39.67 11.20 -0.02
N HIS A 139 38.51 11.17 0.60
CA HIS A 139 37.56 12.26 0.40
C HIS A 139 37.24 13.00 1.69
N GLN A 140 38.27 13.31 2.48
CA GLN A 140 38.07 14.01 3.74
C GLN A 140 37.96 15.53 3.59
N LYS A 141 38.27 16.03 2.40
CA LYS A 141 38.19 17.46 2.11
C LYS A 141 36.87 17.80 1.41
N LYS A 142 36.26 16.80 0.81
CA LYS A 142 34.99 17.03 0.14
C LYS A 142 33.91 16.80 1.17
N LEU A 143 34.12 15.82 2.06
CA LEU A 143 33.14 15.50 3.10
C LEU A 143 32.91 16.68 4.04
N GLU A 144 31.65 16.86 4.44
CA GLU A 144 31.27 17.93 5.34
C GLU A 144 30.68 17.27 6.60
N ARG A 145 29.53 17.73 7.09
CA ARG A 145 28.93 17.15 8.29
C ARG A 145 28.30 15.77 8.14
N LEU A 146 29.01 14.73 8.56
CA LEU A 146 28.47 13.39 8.47
C LEU A 146 27.21 13.25 9.33
N THR A 147 26.12 12.84 8.70
CA THR A 147 24.84 12.68 9.38
C THR A 147 24.48 11.22 9.58
N SER A 148 24.80 10.40 8.58
CA SER A 148 24.48 8.99 8.65
C SER A 148 25.02 8.19 7.44
N ILE A 149 24.73 6.89 7.40
CA ILE A 149 25.14 6.06 6.28
C ILE A 149 23.98 5.10 6.00
N ALA A 150 23.59 5.01 4.74
CA ALA A 150 22.51 4.11 4.36
C ALA A 150 23.14 3.01 3.51
N ILE A 151 22.77 1.77 3.75
CA ILE A 151 23.31 0.67 2.97
C ILE A 151 22.17 -0.13 2.39
N THR A 152 22.26 -0.47 1.10
CA THR A 152 21.22 -1.26 0.45
C THR A 152 21.84 -2.50 -0.18
N LEU A 153 21.26 -3.65 0.05
CA LEU A 153 21.83 -4.87 -0.49
C LEU A 153 20.82 -6.01 -0.62
N PRO A 154 21.12 -6.96 -1.50
CA PRO A 154 20.19 -8.08 -1.65
C PRO A 154 20.39 -8.96 -0.44
N GLY A 155 19.43 -9.84 -0.18
CA GLY A 155 19.51 -10.72 0.97
C GLY A 155 18.35 -10.53 1.91
N ILE A 156 18.30 -11.35 2.97
CA ILE A 156 17.26 -11.27 3.98
C ILE A 156 17.84 -10.32 4.98
N ILE A 157 17.20 -9.16 5.14
CA ILE A 157 17.69 -8.11 6.05
C ILE A 157 16.76 -7.73 7.22
N ASP A 158 17.27 -7.78 8.44
CA ASP A 158 16.46 -7.36 9.56
C ASP A 158 16.70 -5.85 9.57
N THR A 159 15.83 -5.09 8.91
CA THR A 159 16.02 -3.64 8.80
C THR A 159 16.02 -2.79 10.09
N GLU A 160 15.23 -3.16 11.09
CA GLU A 160 15.15 -2.39 12.33
C GLU A 160 16.32 -2.64 13.31
N ASN A 161 17.20 -3.58 12.94
CA ASN A 161 18.35 -3.90 13.76
C ASN A 161 19.60 -3.88 12.91
N GLY A 162 19.43 -3.80 11.60
CA GLY A 162 20.57 -3.75 10.68
C GLY A 162 21.46 -4.99 10.70
N ILE A 163 20.83 -6.15 10.64
CA ILE A 163 21.56 -7.42 10.65
C ILE A 163 21.24 -8.20 9.38
N VAL A 164 22.26 -8.46 8.57
CA VAL A 164 22.06 -9.22 7.34
C VAL A 164 22.00 -10.69 7.81
N HIS A 165 20.85 -11.32 7.62
CA HIS A 165 20.63 -12.70 8.01
C HIS A 165 21.26 -13.68 7.05
N ARG A 166 20.95 -13.57 5.78
CA ARG A 166 21.52 -14.45 4.75
C ARG A 166 21.69 -13.53 3.56
N MET A 167 22.58 -13.87 2.64
CA MET A 167 22.75 -12.98 1.52
C MET A 167 23.26 -13.69 0.27
N PRO A 168 22.64 -13.42 -0.89
CA PRO A 168 23.09 -14.06 -2.12
C PRO A 168 24.48 -13.53 -2.49
N PHE A 169 25.23 -14.32 -3.24
CA PHE A 169 26.57 -13.93 -3.69
C PHE A 169 27.67 -14.21 -2.65
N TYR A 170 27.44 -13.79 -1.42
CA TYR A 170 28.40 -14.00 -0.34
C TYR A 170 27.90 -15.13 0.57
N GLU A 171 28.26 -16.37 0.20
CA GLU A 171 27.85 -17.56 0.93
C GLU A 171 28.02 -17.45 2.44
N ASP A 172 29.25 -17.17 2.87
CA ASP A 172 29.59 -17.05 4.29
C ASP A 172 29.16 -15.77 4.99
N VAL A 173 27.86 -15.60 5.24
CA VAL A 173 27.36 -14.41 5.93
C VAL A 173 26.80 -14.80 7.28
N LYS A 174 25.58 -15.31 7.28
CA LYS A 174 24.91 -15.75 8.50
C LYS A 174 24.94 -14.76 9.67
N GLU A 175 23.81 -14.10 9.89
CA GLU A 175 23.66 -13.13 10.98
C GLU A 175 24.81 -12.14 11.16
N MET A 176 24.94 -11.21 10.21
CA MET A 176 25.98 -10.18 10.22
C MET A 176 25.46 -8.84 10.75
N PRO A 177 25.90 -8.42 11.94
CA PRO A 177 25.47 -7.15 12.53
C PRO A 177 26.12 -5.97 11.84
N LEU A 178 26.14 -6.01 10.52
CA LEU A 178 26.74 -4.92 9.73
C LEU A 178 25.79 -3.74 9.80
N GLY A 179 25.71 -3.13 10.97
CA GLY A 179 24.84 -1.99 11.18
C GLY A 179 25.12 -1.46 12.57
N GLU A 180 25.32 -2.38 13.49
CA GLU A 180 25.59 -2.05 14.88
C GLU A 180 27.09 -1.76 15.05
N ALA A 181 27.91 -2.65 14.51
CA ALA A 181 29.36 -2.53 14.57
C ALA A 181 29.80 -1.33 13.77
N LEU A 182 29.11 -1.09 12.66
CA LEU A 182 29.44 0.02 11.80
C LEU A 182 28.92 1.31 12.38
N GLU A 183 27.94 1.20 13.28
CA GLU A 183 27.35 2.38 13.93
C GLU A 183 28.31 2.83 15.02
N GLN A 184 28.96 1.86 15.69
CA GLN A 184 29.93 2.16 16.75
C GLN A 184 31.23 2.73 16.13
N HIS A 185 31.71 2.08 15.08
CA HIS A 185 32.91 2.48 14.36
C HIS A 185 32.82 3.86 13.72
N THR A 186 31.65 4.49 13.74
CA THR A 186 31.51 5.83 13.17
C THR A 186 30.72 6.75 14.08
N GLY A 187 29.69 6.23 14.74
CA GLY A 187 28.94 7.08 15.64
C GLY A 187 27.83 7.90 15.00
N VAL A 188 27.35 7.46 13.84
CA VAL A 188 26.27 8.10 13.10
C VAL A 188 25.32 6.95 12.86
N PRO A 189 24.03 7.23 12.61
CA PRO A 189 23.07 6.15 12.38
C PRO A 189 23.30 5.35 11.08
N VAL A 190 22.95 4.07 11.11
CA VAL A 190 23.07 3.24 9.94
C VAL A 190 21.67 2.72 9.57
N TYR A 191 21.22 3.05 8.37
CA TYR A 191 19.93 2.61 7.91
C TYR A 191 20.17 1.58 6.82
N ILE A 192 19.65 0.37 7.02
CA ILE A 192 19.83 -0.73 6.08
C ILE A 192 18.53 -1.35 5.61
N GLN A 193 18.30 -1.32 4.31
CA GLN A 193 17.07 -1.86 3.75
C GLN A 193 17.35 -2.78 2.58
N HIS A 194 16.43 -3.69 2.33
CA HIS A 194 16.52 -4.63 1.24
C HIS A 194 16.74 -3.83 -0.04
N ASP A 195 17.55 -4.34 -0.95
CA ASP A 195 17.86 -3.67 -2.21
C ASP A 195 16.66 -3.18 -3.02
N ILE A 196 15.73 -4.09 -3.35
CA ILE A 196 14.56 -3.73 -4.14
C ILE A 196 13.59 -2.80 -3.43
N SER A 197 13.21 -3.14 -2.21
CA SER A 197 12.29 -2.29 -1.46
C SER A 197 12.84 -0.87 -1.36
N ALA A 198 14.10 -0.74 -0.97
CA ALA A 198 14.72 0.57 -0.82
C ALA A 198 14.67 1.32 -2.13
N TRP A 199 15.03 0.64 -3.21
CA TRP A 199 15.06 1.23 -4.55
C TRP A 199 13.69 1.68 -5.01
N THR A 200 12.70 0.83 -4.81
CA THR A 200 11.36 1.16 -5.22
C THR A 200 10.89 2.49 -4.65
N MET A 201 11.11 2.73 -3.37
CA MET A 201 10.65 3.96 -2.77
C MET A 201 11.58 5.08 -3.11
N ALA A 202 12.81 4.72 -3.43
CA ALA A 202 13.82 5.72 -3.77
C ALA A 202 13.45 6.33 -5.12
N GLU A 203 12.82 5.51 -5.97
CA GLU A 203 12.37 5.93 -7.29
C GLU A 203 11.14 6.79 -7.10
N ALA A 204 10.31 6.37 -6.14
CA ALA A 204 9.05 7.03 -5.82
C ALA A 204 9.20 8.42 -5.25
N LEU A 205 10.35 8.73 -4.69
CA LEU A 205 10.58 10.07 -4.15
C LEU A 205 11.45 10.85 -5.15
N PHE A 206 12.43 10.17 -5.73
CA PHE A 206 13.34 10.80 -6.65
C PHE A 206 13.36 10.12 -8.02
N GLY A 207 12.52 10.55 -8.95
CA GLY A 207 12.56 9.91 -10.26
C GLY A 207 11.38 9.07 -10.68
N ALA A 208 11.52 8.45 -11.84
CA ALA A 208 10.54 7.60 -12.52
C ALA A 208 9.10 7.55 -12.03
N SER A 209 8.87 6.92 -10.88
CA SER A 209 7.51 6.79 -10.33
C SER A 209 7.14 7.81 -9.26
N ARG A 210 7.49 9.07 -9.50
CA ARG A 210 7.15 10.14 -8.57
C ARG A 210 5.71 10.54 -8.82
N GLY A 211 4.96 10.74 -7.75
CA GLY A 211 3.58 11.16 -7.90
C GLY A 211 2.57 10.05 -8.15
N ALA A 212 2.92 8.84 -7.71
CA ALA A 212 2.05 7.68 -7.87
C ALA A 212 1.91 7.03 -6.52
N ARG A 213 0.68 6.66 -6.16
CA ARG A 213 0.44 6.00 -4.87
C ARG A 213 0.65 4.51 -5.07
N ASP A 214 0.34 4.04 -6.27
CA ASP A 214 0.48 2.63 -6.62
C ASP A 214 1.55 2.47 -7.70
N VAL A 215 2.55 1.62 -7.43
CA VAL A 215 3.66 1.37 -8.36
C VAL A 215 4.26 -0.04 -8.31
N ILE A 216 4.47 -0.60 -9.49
CA ILE A 216 5.10 -1.90 -9.59
C ILE A 216 6.48 -1.67 -10.24
N GLN A 217 7.53 -2.18 -9.62
CA GLN A 217 8.86 -2.03 -10.14
C GLN A 217 9.47 -3.40 -10.19
N VAL A 218 9.68 -3.91 -11.39
CA VAL A 218 10.25 -5.23 -11.55
C VAL A 218 11.73 -5.01 -11.65
N VAL A 219 12.52 -5.88 -11.06
CA VAL A 219 13.96 -5.74 -11.14
C VAL A 219 14.49 -7.02 -11.72
N ILE A 220 15.25 -6.90 -12.80
CA ILE A 220 15.79 -8.06 -13.47
C ILE A 220 17.29 -8.00 -13.61
N ASP A 221 18.03 -8.67 -12.75
CA ASP A 221 19.49 -8.66 -12.87
C ASP A 221 20.04 -10.05 -12.49
N HIS A 222 21.03 -10.10 -11.61
CA HIS A 222 21.55 -11.39 -11.23
C HIS A 222 20.46 -12.17 -10.50
N ASN A 223 19.43 -11.46 -10.09
CA ASN A 223 18.31 -12.06 -9.37
C ASN A 223 17.04 -11.31 -9.75
N VAL A 224 15.98 -12.03 -10.04
CA VAL A 224 14.73 -11.37 -10.40
C VAL A 224 13.82 -11.23 -9.16
N GLY A 225 13.07 -10.13 -9.13
CA GLY A 225 12.15 -9.86 -8.05
C GLY A 225 11.56 -8.51 -8.42
N ALA A 226 10.51 -8.08 -7.73
CA ALA A 226 9.90 -6.78 -8.04
C ALA A 226 9.29 -6.23 -6.78
N GLY A 227 9.14 -4.92 -6.74
CA GLY A 227 8.56 -4.27 -5.58
C GLY A 227 7.29 -3.51 -5.91
N VAL A 228 6.36 -3.47 -4.96
CA VAL A 228 5.12 -2.76 -5.23
C VAL A 228 4.65 -1.82 -4.15
N ILE A 229 4.01 -0.75 -4.57
CA ILE A 229 3.49 0.26 -3.66
C ILE A 229 2.00 0.45 -3.88
N THR A 230 1.20 0.33 -2.82
CA THR A 230 -0.25 0.53 -2.90
C THR A 230 -0.67 1.59 -1.89
N ASP A 231 -1.56 2.48 -2.30
CA ASP A 231 -2.07 3.54 -1.44
C ASP A 231 -0.98 4.53 -1.08
N GLY A 232 0.24 4.03 -0.91
CA GLY A 232 1.35 4.89 -0.57
C GLY A 232 2.30 4.13 0.34
N HIS A 233 2.11 2.83 0.40
CA HIS A 233 2.95 1.98 1.22
C HIS A 233 3.54 0.82 0.46
N LEU A 234 4.79 0.52 0.77
CA LEU A 234 5.51 -0.59 0.17
C LEU A 234 4.83 -1.87 0.67
N LEU A 235 4.59 -2.84 -0.21
CA LEU A 235 3.93 -4.06 0.20
C LEU A 235 4.84 -5.14 0.80
N HIS A 236 4.44 -5.67 1.97
CA HIS A 236 5.19 -6.72 2.65
C HIS A 236 4.27 -7.95 2.78
N ALA A 237 4.82 -9.09 3.18
CA ALA A 237 4.02 -10.30 3.34
C ALA A 237 4.35 -11.09 4.59
N GLY A 238 3.64 -12.20 4.82
CA GLY A 238 3.86 -13.05 5.98
C GLY A 238 4.45 -12.32 7.18
N SER A 239 5.78 -12.41 7.33
CA SER A 239 6.52 -11.72 8.38
C SER A 239 6.89 -10.37 7.73
N SER A 240 8.07 -10.36 7.10
CA SER A 240 8.53 -9.20 6.34
C SER A 240 8.33 -9.79 4.95
N SER A 241 8.54 -11.10 4.90
CA SER A 241 8.35 -11.91 3.72
C SER A 241 8.19 -11.10 2.41
N LEU A 242 9.24 -10.38 2.02
CA LEU A 242 9.18 -9.56 0.81
C LEU A 242 8.54 -10.29 -0.36
N VAL A 243 8.02 -9.49 -1.30
CA VAL A 243 7.38 -9.98 -2.52
C VAL A 243 8.42 -10.81 -3.24
N GLU A 244 8.03 -12.01 -3.64
CA GLU A 244 8.95 -12.92 -4.28
C GLU A 244 8.50 -13.37 -5.68
N ILE A 245 8.05 -12.46 -6.53
CA ILE A 245 7.62 -12.91 -7.84
C ILE A 245 8.80 -13.47 -8.60
N GLY A 246 9.95 -13.49 -7.95
CA GLY A 246 11.12 -14.06 -8.59
C GLY A 246 10.92 -15.55 -8.71
N HIS A 247 10.14 -16.11 -7.81
CA HIS A 247 9.88 -17.54 -7.83
C HIS A 247 8.46 -17.90 -8.23
N THR A 248 8.10 -17.59 -9.46
CA THR A 248 6.78 -17.89 -9.99
C THR A 248 6.95 -18.76 -11.21
N GLN A 249 6.87 -20.08 -11.03
CA GLN A 249 7.08 -21.04 -12.11
C GLN A 249 6.40 -20.78 -13.43
N VAL A 250 7.05 -20.04 -14.31
CA VAL A 250 6.50 -19.73 -15.62
C VAL A 250 6.74 -20.90 -16.60
N ASP A 251 7.70 -21.75 -16.27
CA ASP A 251 8.04 -22.93 -17.07
C ASP A 251 8.01 -24.17 -16.17
N PRO A 252 6.95 -24.98 -16.29
CA PRO A 252 6.76 -26.20 -15.51
C PRO A 252 7.90 -27.21 -15.48
N TYR A 253 9.05 -26.84 -16.07
CA TYR A 253 10.21 -27.72 -16.07
C TYR A 253 11.51 -26.96 -15.80
N GLY A 254 11.93 -26.13 -16.75
CA GLY A 254 13.14 -25.33 -16.59
C GLY A 254 14.27 -26.02 -15.82
N LYS A 255 15.15 -25.23 -15.22
CA LYS A 255 16.26 -25.78 -14.44
C LYS A 255 15.82 -25.96 -12.99
N ARG A 256 16.79 -26.21 -12.11
CA ARG A 256 16.52 -26.34 -10.68
C ARG A 256 16.83 -25.00 -10.07
N CYS A 257 15.98 -24.56 -9.15
CA CYS A 257 16.17 -23.28 -8.53
C CYS A 257 16.71 -23.49 -7.12
N TYR A 258 17.50 -22.55 -6.65
CA TYR A 258 18.06 -22.64 -5.31
C TYR A 258 16.99 -22.51 -4.25
N CYS A 259 15.73 -22.47 -4.67
CA CYS A 259 14.61 -22.34 -3.73
C CYS A 259 14.00 -23.70 -3.45
N GLY A 260 13.76 -24.46 -4.51
CA GLY A 260 13.17 -25.76 -4.33
C GLY A 260 12.54 -26.24 -5.61
N ASN A 261 11.62 -25.45 -6.15
CA ASN A 261 10.95 -25.83 -7.39
C ASN A 261 11.92 -25.89 -8.52
N HIS A 262 11.38 -25.81 -9.74
CA HIS A 262 12.20 -25.89 -10.95
C HIS A 262 11.50 -25.05 -11.99
N GLY A 263 12.29 -24.29 -12.74
CA GLY A 263 11.72 -23.44 -13.76
C GLY A 263 11.18 -22.11 -13.27
N CYS A 264 11.73 -21.58 -12.18
CA CYS A 264 11.29 -20.31 -11.63
C CYS A 264 11.64 -19.17 -12.55
N LEU A 265 10.80 -18.15 -12.55
CA LEU A 265 11.05 -17.01 -13.40
C LEU A 265 12.55 -16.74 -13.43
N GLU A 266 13.16 -16.69 -12.25
CA GLU A 266 14.59 -16.43 -12.11
C GLU A 266 15.37 -17.67 -12.48
N THR A 267 15.32 -18.02 -13.75
CA THR A 267 16.02 -19.18 -14.23
C THR A 267 16.02 -18.96 -15.73
N ILE A 268 15.18 -18.01 -16.13
CA ILE A 268 15.00 -17.64 -17.51
C ILE A 268 15.26 -16.16 -17.67
N ALA A 269 14.71 -15.38 -16.74
CA ALA A 269 14.83 -13.92 -16.79
C ALA A 269 16.09 -13.34 -16.14
N SER A 270 16.76 -14.13 -15.31
CA SER A 270 17.97 -13.66 -14.66
C SER A 270 19.03 -13.39 -15.72
N VAL A 271 19.64 -12.22 -15.62
CA VAL A 271 20.68 -11.79 -16.55
C VAL A 271 21.72 -12.87 -16.79
N ASP A 272 22.08 -13.62 -15.75
CA ASP A 272 23.09 -14.67 -15.87
C ASP A 272 22.59 -15.81 -16.77
N SER A 273 21.31 -16.12 -16.66
CA SER A 273 20.73 -17.18 -17.48
C SER A 273 20.66 -16.68 -18.90
N ILE A 274 20.02 -15.53 -19.09
CA ILE A 274 19.90 -14.95 -20.42
C ILE A 274 21.24 -15.00 -21.15
N LEU A 275 22.34 -14.89 -20.40
CA LEU A 275 23.68 -14.93 -20.97
C LEU A 275 24.15 -16.36 -21.16
N GLU A 276 23.64 -17.29 -20.36
CA GLU A 276 24.04 -18.69 -20.52
C GLU A 276 23.27 -19.23 -21.71
N LEU A 277 22.12 -18.62 -21.96
CA LEU A 277 21.25 -19.01 -23.05
C LEU A 277 21.79 -18.46 -24.36
N ALA A 278 22.27 -17.22 -24.33
CA ALA A 278 22.82 -16.62 -25.53
C ALA A 278 24.04 -17.41 -25.93
N GLN A 279 24.84 -17.78 -24.94
CA GLN A 279 26.05 -18.54 -25.20
C GLN A 279 25.69 -19.93 -25.73
N LEU A 280 25.11 -20.77 -24.89
CA LEU A 280 24.74 -22.11 -25.32
C LEU A 280 23.79 -22.15 -26.51
N ARG A 281 23.66 -21.02 -27.22
CA ARG A 281 22.81 -20.93 -28.41
C ARG A 281 23.58 -20.17 -29.46
N LEU A 282 24.85 -19.93 -29.15
CA LEU A 282 25.78 -19.25 -30.04
C LEU A 282 26.77 -20.31 -30.50
N ASN A 283 26.87 -21.37 -29.70
CA ASN A 283 27.76 -22.47 -30.01
C ASN A 283 27.21 -23.17 -31.25
N GLN A 284 25.98 -22.82 -31.61
CA GLN A 284 25.35 -23.39 -32.80
C GLN A 284 25.03 -22.30 -33.80
N SER A 285 26.04 -21.54 -34.18
CA SER A 285 25.89 -20.48 -35.17
C SER A 285 25.14 -19.23 -34.69
N MET A 286 25.31 -18.14 -35.45
CA MET A 286 24.65 -16.85 -35.17
C MET A 286 23.58 -16.57 -36.23
N HIS A 291 27.98 -11.32 -33.77
CA HIS A 291 28.77 -11.03 -32.56
C HIS A 291 30.20 -10.55 -32.89
N GLY A 292 31.18 -10.98 -32.09
CA GLY A 292 32.56 -10.56 -32.32
C GLY A 292 33.38 -10.37 -31.03
N GLN A 293 32.84 -9.60 -30.10
CA GLN A 293 33.52 -9.35 -28.81
C GLN A 293 32.87 -10.27 -27.76
N PRO A 294 33.53 -10.48 -26.60
CA PRO A 294 32.92 -11.35 -25.59
C PRO A 294 31.45 -11.04 -25.32
N LEU A 295 30.73 -12.06 -24.86
CA LEU A 295 29.31 -11.95 -24.57
C LEU A 295 28.98 -11.31 -23.21
N THR A 296 28.32 -10.16 -23.28
CA THR A 296 27.90 -9.40 -22.09
C THR A 296 26.49 -8.87 -22.29
N VAL A 297 25.81 -8.57 -21.20
CA VAL A 297 24.47 -8.03 -21.28
C VAL A 297 24.45 -6.80 -22.18
N ASP A 298 25.47 -5.94 -22.02
CA ASP A 298 25.59 -4.73 -22.83
C ASP A 298 25.74 -5.02 -24.31
N SER A 299 26.56 -6.01 -24.66
CA SER A 299 26.77 -6.38 -26.05
C SER A 299 25.56 -7.14 -26.65
N LEU A 300 24.80 -7.78 -25.77
CA LEU A 300 23.62 -8.51 -26.18
C LEU A 300 22.63 -7.45 -26.62
N CYS A 301 22.21 -6.62 -25.67
CA CYS A 301 21.23 -5.58 -25.97
C CYS A 301 21.57 -4.80 -27.19
N GLN A 302 22.84 -4.45 -27.32
CA GLN A 302 23.28 -3.68 -28.48
C GLN A 302 23.01 -4.46 -29.77
N ALA A 303 23.25 -5.77 -29.74
CA ALA A 303 23.03 -6.62 -30.91
C ALA A 303 21.56 -6.63 -31.27
N ALA A 304 20.72 -6.78 -30.25
CA ALA A 304 19.29 -6.78 -30.46
C ALA A 304 18.85 -5.37 -30.88
N LEU A 305 19.56 -4.36 -30.40
CA LEU A 305 19.26 -2.97 -30.77
C LEU A 305 19.46 -2.77 -32.28
N ARG A 306 20.59 -3.25 -32.80
CA ARG A 306 20.93 -3.13 -34.23
C ARG A 306 19.94 -3.85 -35.15
N GLY A 307 19.46 -5.01 -34.70
CA GLY A 307 18.50 -5.74 -35.52
C GLY A 307 18.71 -7.23 -35.52
N ASP A 308 19.68 -7.73 -34.75
CA ASP A 308 19.94 -9.16 -34.72
C ASP A 308 18.73 -9.88 -34.17
N LEU A 309 18.39 -10.98 -34.83
CA LEU A 309 17.22 -11.74 -34.46
C LEU A 309 17.49 -12.71 -33.33
N LEU A 310 18.74 -13.08 -33.12
CA LEU A 310 19.03 -14.01 -32.05
C LEU A 310 18.97 -13.38 -30.65
N ALA A 311 19.51 -12.16 -30.52
CA ALA A 311 19.49 -11.46 -29.25
C ALA A 311 18.09 -10.92 -28.97
N LYS A 312 17.45 -10.43 -30.03
CA LYS A 312 16.10 -9.90 -29.99
C LYS A 312 15.13 -10.96 -29.48
N ASP A 313 15.38 -12.22 -29.84
CA ASP A 313 14.54 -13.34 -29.43
C ASP A 313 14.69 -13.71 -27.96
N ILE A 314 15.88 -13.41 -27.41
CA ILE A 314 16.17 -13.68 -26.00
C ILE A 314 15.49 -12.59 -25.18
N ILE A 315 15.64 -11.34 -25.63
CA ILE A 315 15.02 -10.20 -24.94
C ILE A 315 13.50 -10.33 -24.97
N THR A 316 12.93 -10.58 -26.14
CA THR A 316 11.49 -10.71 -26.25
C THR A 316 11.01 -11.81 -25.33
N GLY A 317 11.75 -12.92 -25.33
CA GLY A 317 11.42 -14.07 -24.50
C GLY A 317 11.24 -13.76 -23.04
N VAL A 318 12.12 -12.91 -22.53
CA VAL A 318 12.01 -12.52 -21.15
C VAL A 318 10.70 -11.74 -20.99
N GLY A 319 10.49 -10.75 -21.85
CA GLY A 319 9.27 -9.95 -21.79
C GLY A 319 8.01 -10.79 -21.92
N ALA A 320 8.15 -11.95 -22.52
CA ALA A 320 6.99 -12.79 -22.65
C ALA A 320 6.63 -13.21 -21.23
N HIS A 321 7.61 -13.77 -20.53
CA HIS A 321 7.37 -14.25 -19.19
C HIS A 321 7.03 -13.14 -18.20
N VAL A 322 7.94 -12.20 -18.00
CA VAL A 322 7.64 -11.12 -17.08
C VAL A 322 6.25 -10.60 -17.40
N GLY A 323 5.98 -10.38 -18.68
CA GLY A 323 4.69 -9.87 -19.06
C GLY A 323 3.51 -10.64 -18.51
N ARG A 324 3.54 -11.96 -18.65
CA ARG A 324 2.46 -12.78 -18.16
C ARG A 324 2.13 -12.47 -16.67
N ILE A 325 3.17 -12.46 -15.84
CA ILE A 325 3.08 -12.23 -14.41
C ILE A 325 2.66 -10.81 -14.09
N LEU A 326 3.26 -9.86 -14.79
CA LEU A 326 2.95 -8.46 -14.58
C LEU A 326 1.50 -8.15 -15.05
N ALA A 327 0.89 -9.13 -15.72
CA ALA A 327 -0.45 -8.99 -16.23
C ALA A 327 -1.40 -9.11 -15.06
N ILE A 328 -1.27 -10.20 -14.31
CA ILE A 328 -2.12 -10.41 -13.15
C ILE A 328 -1.75 -9.45 -12.03
N MET A 329 -0.50 -9.00 -12.01
CA MET A 329 -0.09 -8.04 -10.97
C MET A 329 -0.78 -6.71 -11.17
N VAL A 330 -1.35 -6.50 -12.36
CA VAL A 330 -2.05 -5.27 -12.67
C VAL A 330 -3.51 -5.34 -12.25
N ASN A 331 -4.15 -6.49 -12.41
CA ASN A 331 -5.55 -6.62 -12.01
C ASN A 331 -5.70 -6.58 -10.48
N LEU A 332 -4.57 -6.70 -9.79
CA LEU A 332 -4.52 -6.69 -8.34
C LEU A 332 -4.26 -5.30 -7.79
N PHE A 333 -3.30 -4.61 -8.38
CA PHE A 333 -2.93 -3.29 -7.89
C PHE A 333 -3.42 -2.11 -8.69
N ASN A 334 -3.27 -2.17 -10.01
CA ASN A 334 -3.69 -1.08 -10.88
C ASN A 334 -2.82 0.15 -10.59
N PRO A 335 -1.50 0.04 -10.79
CA PRO A 335 -0.57 1.13 -10.54
C PRO A 335 -0.65 2.19 -11.59
N GLN A 336 -0.13 3.37 -11.29
CA GLN A 336 -0.12 4.44 -12.29
C GLN A 336 1.12 4.25 -13.15
N LYS A 337 2.10 3.56 -12.59
CA LYS A 337 3.35 3.32 -13.31
C LYS A 337 3.93 1.90 -13.12
N ILE A 338 4.54 1.37 -14.18
CA ILE A 338 5.17 0.07 -14.09
C ILE A 338 6.60 0.35 -14.46
N LEU A 339 7.55 -0.09 -13.64
CA LEU A 339 8.95 0.19 -13.93
C LEU A 339 9.75 -1.06 -13.96
N ILE A 340 10.74 -1.07 -14.85
CA ILE A 340 11.63 -2.21 -15.04
C ILE A 340 13.07 -1.81 -14.68
N GLY A 341 13.61 -2.43 -13.64
CA GLY A 341 14.97 -2.11 -13.24
C GLY A 341 15.88 -3.19 -13.75
N SER A 342 16.69 -2.85 -14.75
CA SER A 342 17.57 -3.87 -15.29
C SER A 342 18.48 -3.33 -16.33
N PRO A 343 19.65 -3.95 -16.48
CA PRO A 343 20.66 -3.55 -17.46
C PRO A 343 20.01 -3.63 -18.83
N LEU A 344 18.89 -4.35 -18.92
CA LEU A 344 18.16 -4.54 -20.17
C LEU A 344 17.29 -3.35 -20.56
N SER A 345 17.25 -2.31 -19.73
CA SER A 345 16.45 -1.14 -20.05
C SER A 345 17.08 -0.47 -21.26
N LYS A 346 18.24 -0.99 -21.66
CA LYS A 346 18.96 -0.48 -22.82
C LYS A 346 18.14 -0.86 -24.06
N ALA A 347 17.65 -2.10 -24.06
CA ALA A 347 16.87 -2.60 -25.18
C ALA A 347 15.42 -2.26 -25.02
N ALA A 348 15.15 -1.17 -24.32
CA ALA A 348 13.78 -0.70 -24.11
C ALA A 348 12.84 -0.99 -25.27
N ASP A 349 13.26 -0.62 -26.48
CA ASP A 349 12.46 -0.79 -27.71
C ASP A 349 11.98 -2.18 -28.05
N ILE A 350 12.67 -3.20 -27.54
CA ILE A 350 12.31 -4.56 -27.85
C ILE A 350 11.63 -5.29 -26.71
N LEU A 351 12.04 -5.02 -25.47
CA LEU A 351 11.47 -5.69 -24.30
C LEU A 351 10.16 -5.11 -23.78
N PHE A 352 10.14 -3.81 -23.60
CA PHE A 352 8.93 -3.20 -23.08
C PHE A 352 7.70 -3.48 -23.94
N PRO A 353 7.73 -3.19 -25.26
CA PRO A 353 6.54 -3.48 -26.08
C PRO A 353 5.94 -4.86 -25.80
N VAL A 354 6.81 -5.83 -25.54
CA VAL A 354 6.37 -7.19 -25.27
C VAL A 354 5.58 -7.24 -23.98
N ILE A 355 6.09 -6.58 -22.94
CA ILE A 355 5.43 -6.54 -21.64
C ILE A 355 4.12 -5.81 -21.77
N SER A 356 4.12 -4.75 -22.55
CA SER A 356 2.91 -3.97 -22.75
C SER A 356 1.83 -4.79 -23.42
N ASP A 357 2.16 -5.47 -24.52
CA ASP A 357 1.17 -6.26 -25.22
C ASP A 357 0.53 -7.16 -24.19
N SER A 358 1.37 -8.00 -23.58
CA SER A 358 0.92 -8.94 -22.56
C SER A 358 -0.06 -8.31 -21.59
N ILE A 359 0.37 -7.24 -20.91
CA ILE A 359 -0.50 -6.57 -19.98
C ILE A 359 -1.76 -6.08 -20.65
N ARG A 360 -1.67 -5.72 -21.92
CA ARG A 360 -2.83 -5.23 -22.66
C ARG A 360 -3.72 -6.37 -23.16
N GLN A 361 -3.11 -7.54 -23.34
CA GLN A 361 -3.83 -8.70 -23.84
C GLN A 361 -4.38 -9.57 -22.71
N GLN A 362 -3.78 -9.44 -21.53
CA GLN A 362 -4.14 -10.25 -20.38
C GLN A 362 -4.80 -9.63 -19.14
N ALA A 363 -4.57 -8.35 -18.92
CA ALA A 363 -5.18 -7.74 -17.76
C ALA A 363 -6.42 -7.05 -18.24
N LEU A 364 -7.20 -6.57 -17.30
CA LEU A 364 -8.47 -5.87 -17.58
C LEU A 364 -8.32 -4.62 -18.46
N PRO A 365 -9.10 -4.54 -19.56
CA PRO A 365 -9.05 -3.40 -20.47
C PRO A 365 -9.20 -2.05 -19.80
N ALA A 366 -10.09 -1.97 -18.81
CA ALA A 366 -10.32 -0.70 -18.12
C ALA A 366 -9.12 -0.28 -17.28
N TYR A 367 -8.14 -1.17 -17.14
CA TYR A 367 -6.95 -0.87 -16.37
C TYR A 367 -5.80 -0.69 -17.29
N SER A 368 -5.57 -1.67 -18.16
CA SER A 368 -4.44 -1.61 -19.07
C SER A 368 -4.50 -0.43 -20.02
N GLN A 369 -5.61 0.29 -20.00
CA GLN A 369 -5.77 1.44 -20.88
C GLN A 369 -4.70 2.49 -20.58
N HIS A 370 -4.80 3.14 -19.42
CA HIS A 370 -3.83 4.18 -19.05
C HIS A 370 -2.70 3.67 -18.12
N ILE A 371 -1.72 2.98 -18.70
CA ILE A 371 -0.56 2.40 -17.99
C ILE A 371 0.49 1.83 -18.96
N SER A 372 1.69 2.40 -18.96
CA SER A 372 2.78 1.98 -19.83
C SER A 372 4.02 1.46 -19.13
N VAL A 373 4.60 0.39 -19.65
CA VAL A 373 5.79 -0.16 -19.05
C VAL A 373 6.94 0.77 -19.39
N GLU A 374 7.41 1.48 -18.36
CA GLU A 374 8.52 2.39 -18.55
C GLU A 374 9.76 1.94 -17.79
N SER A 375 10.85 2.61 -18.12
CA SER A 375 12.16 2.34 -17.57
C SER A 375 12.40 2.93 -16.20
N THR A 376 13.31 2.30 -15.47
CA THR A 376 13.69 2.73 -14.13
C THR A 376 14.64 3.90 -14.35
N GLN A 377 14.58 4.92 -13.51
CA GLN A 377 15.42 6.09 -13.73
C GLN A 377 16.83 5.97 -13.18
N PHE A 378 17.02 5.07 -12.24
CA PHE A 378 18.32 4.84 -11.61
C PHE A 378 18.89 3.48 -12.00
N SER A 379 20.16 3.43 -12.34
CA SER A 379 20.78 2.17 -12.71
C SER A 379 20.79 1.17 -11.56
N ASN A 380 20.98 -0.11 -11.86
CA ASN A 380 21.05 -1.12 -10.82
C ASN A 380 22.25 -0.86 -9.91
N GLN A 381 23.07 0.13 -10.27
CA GLN A 381 24.28 0.47 -9.52
C GLN A 381 24.27 1.84 -8.82
N GLY A 382 23.32 2.68 -9.17
CA GLY A 382 23.23 3.99 -8.54
C GLY A 382 23.04 3.92 -7.02
N THR A 383 23.86 4.68 -6.30
CA THR A 383 23.80 4.72 -4.86
C THR A 383 22.47 5.33 -4.41
N MET A 384 21.70 5.84 -5.36
CA MET A 384 20.45 6.50 -5.03
C MET A 384 19.36 5.66 -4.35
N ALA A 385 19.66 4.38 -4.12
CA ALA A 385 18.70 3.49 -3.49
C ALA A 385 18.48 3.77 -1.98
N GLY A 386 19.49 4.36 -1.34
CA GLY A 386 19.34 4.66 0.07
C GLY A 386 18.82 6.07 0.23
N ALA A 387 18.59 6.74 -0.91
CA ALA A 387 18.11 8.12 -0.91
C ALA A 387 16.86 8.27 -0.03
N ALA A 388 16.08 7.21 0.04
CA ALA A 388 14.86 7.24 0.84
C ALA A 388 15.09 6.97 2.34
N LEU A 389 15.98 6.03 2.65
CA LEU A 389 16.29 5.72 4.05
C LEU A 389 16.57 6.95 4.89
N VAL A 390 17.40 7.85 4.36
CA VAL A 390 17.74 9.06 5.05
C VAL A 390 16.57 10.05 5.03
N LYS A 391 15.76 10.03 3.97
CA LYS A 391 14.62 10.93 3.92
C LYS A 391 13.57 10.45 4.92
N ASP A 392 13.46 9.13 5.06
CA ASP A 392 12.49 8.57 5.98
C ASP A 392 12.97 8.93 7.40
N ALA A 393 14.29 8.96 7.57
CA ALA A 393 14.89 9.31 8.84
C ALA A 393 14.60 10.77 9.23
N MET A 394 14.69 11.67 8.26
CA MET A 394 14.43 13.09 8.51
C MET A 394 12.96 13.38 8.73
N TYR A 395 12.11 12.61 8.07
CA TYR A 395 10.68 12.82 8.19
C TYR A 395 10.13 12.20 9.48
N ASN A 396 10.55 10.97 9.76
CA ASN A 396 10.08 10.30 10.95
C ASN A 396 10.68 10.99 12.17
N GLY A 397 11.65 11.85 11.92
CA GLY A 397 12.27 12.61 13.01
C GLY A 397 13.46 12.01 13.70
N SER A 398 13.62 10.69 13.58
CA SER A 398 14.71 9.97 14.21
C SER A 398 16.09 10.32 13.69
N LEU A 399 16.32 11.60 13.39
CA LEU A 399 17.59 12.04 12.84
C LEU A 399 17.66 13.56 12.90
N LEU A 400 16.58 14.22 12.54
CA LEU A 400 16.51 15.66 12.58
C LEU A 400 16.67 16.08 14.04
N ILE A 401 16.36 15.15 14.94
CA ILE A 401 16.49 15.41 16.36
C ILE A 401 17.98 15.31 16.76
N ARG A 402 18.71 14.33 16.23
CA ARG A 402 20.12 14.17 16.53
C ARG A 402 20.89 15.29 15.90
N LEU A 403 20.57 15.61 14.65
CA LEU A 403 21.27 16.65 13.94
C LEU A 403 21.02 18.01 14.53
N LEU A 404 19.92 18.13 15.26
CA LEU A 404 19.51 19.39 15.88
C LEU A 404 20.60 19.94 16.79
N GLN A 405 21.46 19.04 17.28
CA GLN A 405 22.57 19.41 18.15
C GLN A 405 23.80 19.90 17.39
N GLY A 406 23.86 19.58 16.10
CA GLY A 406 25.00 19.99 15.28
C GLY A 406 25.60 18.81 14.53
N GLN B 12 -8.36 16.60 3.93
CA GLN B 12 -7.29 17.39 4.60
C GLN B 12 -6.58 16.57 5.66
N ILE B 13 -5.83 17.27 6.51
CA ILE B 13 -5.07 16.62 7.59
C ILE B 13 -6.03 16.40 8.76
N LYS B 14 -7.04 17.27 8.83
CA LYS B 14 -8.03 17.20 9.88
C LYS B 14 -8.85 15.91 9.76
N GLN B 15 -9.16 15.51 8.52
CA GLN B 15 -9.94 14.29 8.25
C GLN B 15 -9.17 13.00 8.56
N THR B 16 -7.90 12.99 8.18
CA THR B 16 -7.02 11.86 8.37
C THR B 16 -6.54 11.77 9.82
N ASN B 17 -6.56 12.90 10.53
CA ASN B 17 -6.14 12.91 11.93
C ASN B 17 -7.33 12.59 12.83
N ALA B 18 -8.52 12.98 12.36
CA ALA B 18 -9.76 12.75 13.09
C ALA B 18 -10.19 11.29 12.96
N GLY B 19 -10.15 10.78 11.73
CA GLY B 19 -10.54 9.40 11.49
C GLY B 19 -9.56 8.38 12.03
N ALA B 20 -8.35 8.83 12.35
CA ALA B 20 -7.33 7.93 12.89
C ALA B 20 -7.49 7.73 14.42
N VAL B 21 -8.12 8.69 15.11
CA VAL B 21 -8.37 8.58 16.55
C VAL B 21 -9.58 7.69 16.77
N TYR B 22 -10.50 7.73 15.81
CA TYR B 22 -11.70 6.90 15.84
C TYR B 22 -11.29 5.48 15.50
N ARG B 23 -10.47 5.37 14.46
CA ARG B 23 -9.94 4.08 14.01
C ARG B 23 -9.35 3.34 15.21
N LEU B 24 -8.81 4.11 16.16
CA LEU B 24 -8.19 3.53 17.34
C LEU B 24 -9.26 3.08 18.31
N ILE B 25 -10.14 4.01 18.67
CA ILE B 25 -11.21 3.74 19.61
C ILE B 25 -12.32 2.87 19.03
N ASP B 26 -12.08 1.56 19.02
CA ASP B 26 -13.05 0.60 18.54
C ASP B 26 -12.29 -0.69 18.31
N GLN B 27 -10.98 -0.57 18.09
CA GLN B 27 -10.09 -1.71 17.90
C GLN B 27 -9.71 -2.27 19.28
N LEU B 28 -9.67 -1.37 20.26
CA LEU B 28 -9.41 -1.71 21.67
C LEU B 28 -10.23 -0.78 22.56
N GLY B 29 -11.31 -1.32 23.12
CA GLY B 29 -12.16 -0.55 24.01
C GLY B 29 -12.10 -1.13 25.42
N PRO B 30 -11.81 -0.30 26.44
CA PRO B 30 -11.54 1.14 26.34
C PRO B 30 -10.06 1.58 26.26
N VAL B 31 -9.86 2.82 25.81
CA VAL B 31 -8.54 3.45 25.70
C VAL B 31 -8.66 4.90 26.15
N SER B 32 -7.78 5.30 27.07
CA SER B 32 -7.79 6.66 27.61
C SER B 32 -7.15 7.70 26.69
N ARG B 33 -7.48 8.95 26.95
CA ARG B 33 -6.97 10.08 26.18
C ARG B 33 -5.44 10.05 26.10
N ILE B 34 -4.81 9.18 26.89
CA ILE B 34 -3.36 9.08 26.89
C ILE B 34 -2.91 8.10 25.79
N ASP B 35 -3.58 6.95 25.71
CA ASP B 35 -3.24 5.94 24.69
C ASP B 35 -3.55 6.47 23.29
N LEU B 36 -4.51 7.38 23.23
CA LEU B 36 -4.90 7.98 21.96
C LEU B 36 -3.81 8.96 21.55
N SER B 37 -3.27 9.69 22.52
CA SER B 37 -2.21 10.64 22.24
C SER B 37 -0.94 9.87 21.88
N ARG B 38 -0.69 8.79 22.63
CA ARG B 38 0.48 7.95 22.47
C ARG B 38 0.46 6.99 21.29
N LEU B 39 -0.45 6.01 21.35
CA LEU B 39 -0.59 4.98 20.32
C LEU B 39 -0.94 5.52 18.94
N ALA B 40 -1.57 6.69 18.90
CA ALA B 40 -1.97 7.30 17.64
C ALA B 40 -1.07 8.47 17.24
N GLN B 41 -0.01 8.71 18.01
CA GLN B 41 0.91 9.80 17.72
C GLN B 41 0.22 11.16 17.63
N LEU B 42 -0.13 11.72 18.79
CA LEU B 42 -0.81 13.01 18.83
C LEU B 42 -0.60 13.73 20.16
N ALA B 43 -0.49 15.06 20.08
CA ALA B 43 -0.29 15.92 21.25
C ALA B 43 -1.58 16.12 22.03
N PRO B 44 -1.49 16.57 23.30
CA PRO B 44 -2.66 16.80 24.17
C PRO B 44 -3.69 17.76 23.59
N ALA B 45 -3.30 18.45 22.52
CA ALA B 45 -4.18 19.41 21.86
C ALA B 45 -4.93 18.77 20.70
N SER B 46 -4.21 17.99 19.89
CA SER B 46 -4.80 17.31 18.72
C SER B 46 -5.07 15.80 18.95
N ILE B 47 -5.54 15.45 20.14
CA ILE B 47 -5.86 14.06 20.49
C ILE B 47 -6.90 14.07 21.58
N THR B 48 -6.98 15.18 22.29
CA THR B 48 -7.93 15.34 23.37
C THR B 48 -9.14 16.09 22.81
N LYS B 49 -8.86 17.15 22.04
CA LYS B 49 -9.90 17.98 21.43
C LYS B 49 -10.59 17.25 20.26
N ILE B 50 -9.90 16.27 19.68
CA ILE B 50 -10.43 15.48 18.57
C ILE B 50 -11.49 14.49 19.06
N VAL B 51 -11.39 14.12 20.34
CA VAL B 51 -12.33 13.21 20.96
C VAL B 51 -13.50 14.03 21.50
N ARG B 52 -13.18 15.25 21.95
CA ARG B 52 -14.16 16.20 22.50
C ARG B 52 -15.31 16.47 21.56
N GLU B 53 -15.01 16.55 20.26
CA GLU B 53 -16.03 16.80 19.23
C GLU B 53 -16.67 15.48 18.78
N MET B 54 -16.04 14.37 19.14
CA MET B 54 -16.58 13.07 18.79
C MET B 54 -17.52 12.65 19.89
N LEU B 55 -17.29 13.18 21.09
CA LEU B 55 -18.16 12.89 22.22
C LEU B 55 -19.40 13.76 22.03
N GLU B 56 -19.19 15.00 21.59
CA GLU B 56 -20.28 15.94 21.36
C GLU B 56 -21.14 15.56 20.15
N ALA B 57 -20.73 14.54 19.42
CA ALA B 57 -21.46 14.07 18.24
C ALA B 57 -21.91 12.63 18.45
N HIS B 58 -21.49 12.06 19.58
CA HIS B 58 -21.82 10.71 19.98
C HIS B 58 -21.41 9.62 19.02
N LEU B 59 -20.13 9.60 18.68
CA LEU B 59 -19.58 8.58 17.79
C LEU B 59 -18.82 7.61 18.70
N VAL B 60 -18.57 8.06 19.92
CA VAL B 60 -17.87 7.28 20.94
C VAL B 60 -18.65 7.35 22.27
N GLN B 61 -18.24 6.55 23.25
CA GLN B 61 -18.91 6.52 24.56
C GLN B 61 -17.96 6.80 25.74
N GLU B 62 -18.54 7.30 26.83
CA GLU B 62 -17.79 7.63 28.04
C GLU B 62 -17.64 6.39 28.92
N LEU B 63 -16.53 6.30 29.62
CA LEU B 63 -16.25 5.18 30.51
C LEU B 63 -16.35 3.84 29.75
N VAL B 76 -9.50 7.26 31.75
CA VAL B 76 -10.05 6.04 32.34
C VAL B 76 -10.37 5.01 31.26
N GLY B 77 -10.97 5.47 30.16
CA GLY B 77 -11.31 4.57 29.07
C GLY B 77 -12.38 5.12 28.13
N LEU B 78 -12.20 4.90 26.82
CA LEU B 78 -13.14 5.37 25.80
C LEU B 78 -13.54 4.28 24.81
N VAL B 79 -14.84 4.00 24.72
CA VAL B 79 -15.36 2.99 23.80
C VAL B 79 -16.12 3.70 22.66
N VAL B 80 -16.80 2.93 21.82
CA VAL B 80 -17.53 3.51 20.70
C VAL B 80 -19.05 3.38 20.84
N GLU B 81 -19.77 4.34 20.27
CA GLU B 81 -21.24 4.33 20.31
C GLU B 81 -21.75 4.01 18.90
N THR B 82 -22.23 2.79 18.70
CA THR B 82 -22.73 2.38 17.39
C THR B 82 -24.04 1.59 17.47
N GLU B 83 -25.15 2.30 17.59
CA GLU B 83 -26.46 1.66 17.67
C GLU B 83 -27.47 2.61 17.01
N ALA B 84 -27.32 3.90 17.31
CA ALA B 84 -28.21 4.94 16.76
C ALA B 84 -27.79 5.30 15.33
N TRP B 85 -26.61 4.84 14.93
CA TRP B 85 -26.08 5.07 13.59
C TRP B 85 -26.43 3.85 12.74
N HIS B 86 -26.91 4.09 11.53
CA HIS B 86 -27.29 3.01 10.63
C HIS B 86 -26.80 3.28 9.24
N TYR B 87 -26.82 2.24 8.41
CA TYR B 87 -26.40 2.39 7.03
C TYR B 87 -27.17 1.36 6.18
N LEU B 88 -27.49 1.73 4.95
CA LEU B 88 -28.22 0.82 4.08
C LEU B 88 -27.24 -0.01 3.28
N SER B 89 -27.40 -1.32 3.32
CA SER B 89 -26.52 -2.18 2.56
C SER B 89 -27.37 -3.04 1.65
N LEU B 90 -26.91 -3.24 0.41
CA LEU B 90 -27.65 -4.07 -0.52
C LEU B 90 -26.73 -4.75 -1.51
N ARG B 91 -27.17 -5.91 -1.98
CA ARG B 91 -26.41 -6.71 -2.91
C ARG B 91 -27.28 -7.08 -4.09
N ILE B 92 -26.73 -6.94 -5.28
CA ILE B 92 -27.43 -7.25 -6.52
C ILE B 92 -26.85 -8.56 -7.04
N SER B 93 -27.65 -9.61 -6.97
CA SER B 93 -27.22 -10.91 -7.45
C SER B 93 -27.55 -11.04 -8.94
N ARG B 94 -27.33 -12.22 -9.50
CA ARG B 94 -27.61 -12.49 -10.90
C ARG B 94 -29.07 -12.18 -11.20
N GLY B 95 -29.86 -11.98 -10.15
CA GLY B 95 -31.27 -11.67 -10.35
C GLY B 95 -32.10 -11.34 -9.12
N GLU B 96 -31.44 -10.94 -8.05
CA GLU B 96 -32.15 -10.59 -6.83
C GLU B 96 -31.50 -9.45 -6.06
N ILE B 97 -32.33 -8.59 -5.47
CA ILE B 97 -31.88 -7.43 -4.71
C ILE B 97 -32.09 -7.60 -3.20
N PHE B 98 -31.02 -7.91 -2.48
CA PHE B 98 -31.05 -8.11 -1.02
C PHE B 98 -30.80 -6.81 -0.28
N LEU B 99 -31.66 -6.53 0.71
CA LEU B 99 -31.53 -5.30 1.48
C LEU B 99 -31.42 -5.51 2.98
N ALA B 100 -30.76 -4.59 3.66
CA ALA B 100 -30.62 -4.69 5.09
C ALA B 100 -30.01 -3.42 5.66
N LEU B 101 -30.45 -3.07 6.87
CA LEU B 101 -29.95 -1.90 7.60
C LEU B 101 -29.05 -2.47 8.69
N ARG B 102 -27.94 -1.80 8.96
CA ARG B 102 -26.98 -2.27 9.95
C ARG B 102 -26.40 -1.13 10.80
N ASP B 103 -25.88 -1.47 11.98
CA ASP B 103 -25.28 -0.49 12.86
C ASP B 103 -23.86 -0.30 12.33
N LEU B 104 -23.08 0.64 12.89
CA LEU B 104 -21.71 0.82 12.44
C LEU B 104 -20.84 -0.33 12.97
N SER B 105 -21.43 -1.13 13.86
CA SER B 105 -20.76 -2.29 14.45
C SER B 105 -21.05 -3.48 13.52
N SER B 106 -21.80 -3.19 12.47
CA SER B 106 -22.20 -4.15 11.44
C SER B 106 -23.31 -5.10 11.88
N LYS B 107 -23.97 -4.77 13.00
CA LYS B 107 -25.06 -5.59 13.51
C LYS B 107 -26.21 -5.48 12.51
N LEU B 108 -27.15 -6.41 12.58
CA LEU B 108 -28.29 -6.40 11.66
C LEU B 108 -29.54 -5.83 12.35
N VAL B 109 -30.24 -4.94 11.66
CA VAL B 109 -31.46 -4.34 12.18
C VAL B 109 -32.67 -4.96 11.48
N VAL B 110 -32.64 -4.99 10.15
CA VAL B 110 -33.70 -5.59 9.36
C VAL B 110 -33.20 -5.99 7.98
N GLU B 111 -33.74 -7.07 7.43
CA GLU B 111 -33.32 -7.54 6.12
C GLU B 111 -34.52 -7.89 5.24
N GLU B 112 -34.38 -7.62 3.94
CA GLU B 112 -35.43 -7.87 2.95
C GLU B 112 -35.08 -9.08 2.08
N SER B 113 -35.97 -9.40 1.12
CA SER B 113 -35.74 -10.53 0.22
C SER B 113 -36.43 -10.31 -1.14
N GLN B 114 -36.58 -9.05 -1.52
CA GLN B 114 -37.25 -8.69 -2.78
C GLN B 114 -36.58 -9.23 -4.03
N GLU B 115 -37.40 -9.70 -4.96
CA GLU B 115 -36.93 -10.24 -6.23
C GLU B 115 -36.55 -9.04 -7.07
N LEU B 116 -35.69 -9.24 -8.08
CA LEU B 116 -35.27 -8.13 -8.93
C LEU B 116 -35.70 -8.29 -10.38
N ALA B 117 -35.50 -9.49 -10.92
CA ALA B 117 -35.84 -9.81 -12.31
C ALA B 117 -34.87 -9.14 -13.30
N LEU B 118 -35.08 -9.37 -14.60
CA LEU B 118 -34.20 -8.82 -15.62
C LEU B 118 -34.77 -7.65 -16.41
N LYS B 119 -35.82 -7.91 -17.18
CA LYS B 119 -36.46 -6.90 -18.02
C LYS B 119 -37.68 -6.29 -17.35
N ASP B 120 -37.86 -4.98 -17.54
CA ASP B 120 -38.99 -4.29 -16.94
C ASP B 120 -39.32 -3.06 -17.79
N ASP B 121 -40.38 -2.33 -17.40
CA ASP B 121 -40.81 -1.12 -18.10
C ASP B 121 -39.76 -0.03 -17.93
N SER B 122 -39.36 0.17 -16.69
CA SER B 122 -38.33 1.15 -16.35
C SER B 122 -36.99 0.45 -16.47
N PRO B 123 -35.91 1.21 -16.67
CA PRO B 123 -34.58 0.57 -16.79
C PRO B 123 -34.31 -0.25 -15.52
N LEU B 124 -33.12 -0.04 -14.94
CA LEU B 124 -32.73 -0.75 -13.72
C LEU B 124 -32.47 0.25 -12.60
N LEU B 125 -31.67 1.25 -12.92
CA LEU B 125 -31.32 2.27 -11.95
C LEU B 125 -32.57 2.78 -11.22
N ASP B 126 -33.64 3.02 -11.96
CA ASP B 126 -34.91 3.50 -11.40
C ASP B 126 -35.62 2.39 -10.63
N ARG B 127 -35.44 1.16 -11.09
CA ARG B 127 -36.04 0.02 -10.42
C ARG B 127 -35.37 -0.15 -9.05
N ILE B 128 -34.03 -0.09 -9.03
CA ILE B 128 -33.28 -0.24 -7.77
C ILE B 128 -33.71 0.80 -6.74
N ILE B 129 -33.96 2.02 -7.22
CA ILE B 129 -34.37 3.14 -6.34
C ILE B 129 -35.70 2.84 -5.68
N SER B 130 -36.67 2.36 -6.46
CA SER B 130 -37.99 2.05 -5.91
C SER B 130 -37.89 0.97 -4.83
N HIS B 131 -37.01 0.02 -5.08
CA HIS B 131 -36.77 -1.06 -4.14
C HIS B 131 -36.31 -0.48 -2.83
N ILE B 132 -35.30 0.37 -2.90
CA ILE B 132 -34.78 0.97 -1.69
C ILE B 132 -35.85 1.80 -1.01
N ASP B 133 -36.56 2.59 -1.81
CA ASP B 133 -37.60 3.43 -1.25
C ASP B 133 -38.65 2.57 -0.55
N GLN B 134 -39.00 1.44 -1.15
CA GLN B 134 -39.97 0.57 -0.50
C GLN B 134 -39.41 0.18 0.85
N PHE B 135 -38.31 -0.56 0.84
CA PHE B 135 -37.64 -1.02 2.08
C PHE B 135 -37.70 0.03 3.19
N PHE B 136 -37.55 1.31 2.84
CA PHE B 136 -37.55 2.39 3.81
C PHE B 136 -38.90 2.83 4.41
N ILE B 137 -39.98 2.72 3.65
CA ILE B 137 -41.28 3.13 4.16
C ILE B 137 -41.83 2.13 5.17
N ARG B 138 -41.64 0.85 4.90
CA ARG B 138 -42.12 -0.17 5.83
C ARG B 138 -41.33 -0.01 7.13
N HIS B 139 -40.06 -0.35 7.05
CA HIS B 139 -39.16 -0.26 8.19
C HIS B 139 -38.76 1.18 8.45
N GLN B 140 -39.73 2.09 8.36
CA GLN B 140 -39.46 3.51 8.59
C GLN B 140 -39.38 3.85 10.08
N LYS B 141 -39.52 2.83 10.93
CA LYS B 141 -39.49 3.03 12.39
C LYS B 141 -38.24 2.46 13.03
N LYS B 142 -37.56 1.58 12.30
CA LYS B 142 -36.35 0.96 12.79
C LYS B 142 -35.17 1.94 12.74
N LEU B 143 -35.10 2.69 11.64
CA LEU B 143 -34.03 3.66 11.41
C LEU B 143 -33.89 4.66 12.53
N GLU B 144 -32.66 4.92 12.96
CA GLU B 144 -32.40 5.88 14.03
C GLU B 144 -31.51 7.04 13.57
N ARG B 145 -30.82 6.87 12.44
CA ARG B 145 -29.95 7.90 11.87
C ARG B 145 -29.12 7.33 10.71
N LEU B 146 -29.35 7.82 9.49
CA LEU B 146 -28.62 7.34 8.32
C LEU B 146 -27.33 8.10 8.05
N THR B 147 -26.27 7.33 7.78
CA THR B 147 -24.94 7.89 7.52
C THR B 147 -24.52 7.67 6.09
N SER B 148 -24.82 6.48 5.58
CA SER B 148 -24.40 6.17 4.24
C SER B 148 -24.99 4.88 3.72
N ILE B 149 -24.80 4.63 2.43
CA ILE B 149 -25.30 3.43 1.81
C ILE B 149 -24.14 2.73 1.08
N ALA B 150 -24.10 1.40 1.19
CA ALA B 150 -23.04 0.55 0.61
C ALA B 150 -23.56 -0.60 -0.25
N ILE B 151 -23.29 -0.55 -1.55
CA ILE B 151 -23.76 -1.56 -2.50
C ILE B 151 -22.70 -2.49 -2.99
N THR B 152 -23.06 -3.76 -3.17
CA THR B 152 -22.14 -4.77 -3.68
C THR B 152 -22.78 -5.50 -4.87
N LEU B 153 -22.24 -5.25 -6.05
CA LEU B 153 -22.73 -5.85 -7.27
C LEU B 153 -21.59 -6.28 -8.16
N PRO B 154 -21.88 -7.12 -9.16
CA PRO B 154 -20.92 -7.64 -10.12
C PRO B 154 -20.72 -6.74 -11.33
N GLY B 155 -19.63 -6.93 -12.06
CA GLY B 155 -19.37 -6.14 -13.26
C GLY B 155 -18.24 -5.13 -13.15
N ILE B 156 -17.96 -4.42 -14.24
CA ILE B 156 -16.90 -3.40 -14.27
C ILE B 156 -17.45 -2.10 -13.66
N ILE B 157 -16.75 -1.53 -12.68
CA ILE B 157 -17.19 -0.31 -12.01
C ILE B 157 -16.14 0.80 -11.89
N ASP B 158 -16.60 2.04 -11.95
CA ASP B 158 -15.72 3.21 -11.86
C ASP B 158 -15.43 3.62 -10.42
N THR B 159 -16.33 3.24 -9.51
CA THR B 159 -16.19 3.55 -8.08
C THR B 159 -15.99 5.03 -7.77
N GLU B 160 -14.99 5.63 -8.40
CA GLU B 160 -14.71 7.05 -8.17
C GLU B 160 -16.01 7.82 -8.30
N ASN B 161 -16.77 7.51 -9.36
CA ASN B 161 -18.04 8.15 -9.62
C ASN B 161 -19.14 7.12 -9.43
N GLY B 162 -18.72 5.88 -9.24
CA GLY B 162 -19.69 4.82 -9.06
C GLY B 162 -20.49 4.63 -10.32
N ILE B 163 -19.81 4.47 -11.44
CA ILE B 163 -20.49 4.30 -12.71
C ILE B 163 -20.36 2.86 -13.20
N VAL B 164 -21.33 2.03 -12.91
CA VAL B 164 -21.24 0.66 -13.38
C VAL B 164 -21.22 0.74 -14.90
N HIS B 165 -20.13 0.31 -15.53
CA HIS B 165 -20.05 0.35 -16.98
C HIS B 165 -20.94 -0.71 -17.64
N ARG B 166 -20.54 -1.98 -17.52
CA ARG B 166 -21.28 -3.10 -18.10
C ARG B 166 -21.47 -4.19 -17.03
N MET B 167 -22.48 -5.04 -17.19
CA MET B 167 -22.69 -6.11 -16.23
C MET B 167 -22.95 -7.47 -16.90
N PRO B 168 -22.71 -8.59 -16.18
CA PRO B 168 -22.87 -9.96 -16.65
C PRO B 168 -24.29 -10.46 -16.94
N PHE B 169 -25.29 -9.86 -16.31
CA PHE B 169 -26.63 -10.38 -16.56
C PHE B 169 -27.66 -9.31 -16.87
N TYR B 170 -27.19 -8.12 -17.21
CA TYR B 170 -28.07 -7.01 -17.57
C TYR B 170 -27.40 -6.27 -18.71
N GLU B 171 -27.34 -6.90 -19.88
CA GLU B 171 -26.72 -6.28 -21.05
C GLU B 171 -27.26 -4.85 -21.32
N ASP B 172 -28.38 -4.52 -20.69
CA ASP B 172 -28.98 -3.20 -20.85
C ASP B 172 -28.10 -2.12 -20.22
N VAL B 173 -27.59 -2.41 -19.02
CA VAL B 173 -26.75 -1.48 -18.27
C VAL B 173 -25.51 -1.04 -19.01
N LYS B 174 -25.46 0.26 -19.30
CA LYS B 174 -24.33 0.89 -19.99
C LYS B 174 -24.10 2.27 -19.37
N GLU B 175 -23.08 2.37 -18.51
CA GLU B 175 -22.75 3.61 -17.85
C GLU B 175 -23.86 3.99 -16.88
N MET B 176 -23.95 3.27 -15.77
CA MET B 176 -24.98 3.53 -14.79
C MET B 176 -24.47 4.32 -13.60
N PRO B 177 -24.95 5.57 -13.45
CA PRO B 177 -24.55 6.46 -12.34
C PRO B 177 -25.23 6.11 -11.02
N LEU B 178 -25.13 4.84 -10.63
CA LEU B 178 -25.72 4.34 -9.41
C LEU B 178 -25.23 5.12 -8.18
N GLY B 179 -23.94 5.41 -8.13
CA GLY B 179 -23.41 6.14 -6.99
C GLY B 179 -23.98 7.53 -6.90
N GLU B 180 -23.88 8.29 -7.99
CA GLU B 180 -24.38 9.66 -8.00
C GLU B 180 -25.88 9.75 -7.72
N ALA B 181 -26.64 8.84 -8.31
CA ALA B 181 -28.10 8.80 -8.17
C ALA B 181 -28.65 8.44 -6.79
N LEU B 182 -28.16 7.35 -6.21
CA LEU B 182 -28.62 6.91 -4.90
C LEU B 182 -28.27 7.91 -3.80
N GLU B 183 -27.20 8.68 -4.03
CA GLU B 183 -26.78 9.68 -3.04
C GLU B 183 -27.78 10.85 -3.09
N GLN B 184 -28.09 11.31 -4.31
CA GLN B 184 -29.01 12.41 -4.55
C GLN B 184 -30.41 12.10 -4.04
N HIS B 185 -30.78 10.84 -4.05
CA HIS B 185 -32.11 10.43 -3.61
C HIS B 185 -32.21 10.19 -2.11
N THR B 186 -31.13 10.46 -1.36
CA THR B 186 -31.13 10.25 0.09
C THR B 186 -30.35 11.33 0.83
N GLY B 187 -29.11 11.55 0.40
CA GLY B 187 -28.28 12.56 1.03
C GLY B 187 -27.08 12.01 1.81
N VAL B 188 -26.75 10.75 1.53
CA VAL B 188 -25.66 10.04 2.17
C VAL B 188 -24.78 9.43 1.09
N PRO B 189 -23.49 9.24 1.37
CA PRO B 189 -22.50 8.67 0.46
C PRO B 189 -22.77 7.23 -0.02
N VAL B 190 -22.45 6.95 -1.28
CA VAL B 190 -22.62 5.59 -1.81
C VAL B 190 -21.28 4.87 -1.93
N TYR B 191 -21.29 3.58 -1.61
CA TYR B 191 -20.09 2.77 -1.67
C TYR B 191 -20.30 1.58 -2.58
N ILE B 192 -19.50 1.52 -3.64
CA ILE B 192 -19.60 0.44 -4.60
C ILE B 192 -18.49 -0.58 -4.31
N GLN B 193 -18.85 -1.85 -4.30
CA GLN B 193 -17.90 -2.91 -4.04
C GLN B 193 -18.45 -4.23 -4.60
N HIS B 194 -17.61 -5.25 -4.70
CA HIS B 194 -18.09 -6.53 -5.21
C HIS B 194 -18.48 -7.44 -4.08
N ASP B 195 -19.43 -8.32 -4.36
CA ASP B 195 -19.92 -9.28 -3.38
C ASP B 195 -18.71 -9.95 -2.74
N ILE B 196 -17.65 -10.11 -3.54
CA ILE B 196 -16.41 -10.78 -3.13
C ILE B 196 -15.58 -10.06 -2.08
N SER B 197 -15.34 -8.77 -2.29
CA SER B 197 -14.55 -8.02 -1.34
C SER B 197 -15.22 -8.01 0.02
N ALA B 198 -16.50 -7.66 0.00
CA ALA B 198 -17.29 -7.58 1.22
C ALA B 198 -17.25 -8.89 2.00
N TRP B 199 -17.49 -9.98 1.29
CA TRP B 199 -17.49 -11.30 1.91
C TRP B 199 -16.12 -11.62 2.51
N THR B 200 -15.06 -11.05 1.93
CA THR B 200 -13.70 -11.29 2.38
C THR B 200 -13.43 -10.72 3.75
N MET B 201 -14.00 -9.55 4.01
CA MET B 201 -13.84 -8.91 5.30
C MET B 201 -14.73 -9.61 6.33
N ALA B 202 -15.87 -10.11 5.86
CA ALA B 202 -16.85 -10.81 6.69
C ALA B 202 -16.27 -12.07 7.27
N GLU B 203 -15.50 -12.79 6.45
CA GLU B 203 -14.86 -14.03 6.87
C GLU B 203 -13.80 -13.74 7.90
N ALA B 204 -13.19 -12.57 7.77
CA ALA B 204 -12.14 -12.15 8.69
C ALA B 204 -12.72 -11.63 10.01
N LEU B 205 -13.98 -11.18 9.98
CA LEU B 205 -14.64 -10.64 11.16
C LEU B 205 -15.39 -11.64 12.01
N PHE B 206 -15.72 -12.80 11.45
CA PHE B 206 -16.44 -13.84 12.19
C PHE B 206 -16.45 -15.15 11.41
N GLY B 207 -16.00 -15.07 10.16
CA GLY B 207 -15.96 -16.24 9.31
C GLY B 207 -14.93 -17.27 9.74
N ALA B 208 -13.91 -17.49 8.92
CA ALA B 208 -12.87 -18.45 9.23
C ALA B 208 -11.51 -17.77 9.39
N SER B 209 -11.36 -16.60 8.77
CA SER B 209 -10.11 -15.89 8.85
C SER B 209 -10.13 -14.86 9.94
N ARG B 210 -11.00 -15.05 10.90
CA ARG B 210 -11.09 -14.12 12.02
C ARG B 210 -9.83 -14.28 12.88
N GLY B 211 -9.05 -13.20 13.00
CA GLY B 211 -7.83 -13.27 13.82
C GLY B 211 -6.54 -13.26 13.01
N ALA B 212 -6.70 -13.47 11.70
CA ALA B 212 -5.58 -13.51 10.78
C ALA B 212 -5.25 -12.12 10.22
N ARG B 213 -4.02 -11.96 9.73
CA ARG B 213 -3.58 -10.68 9.18
C ARG B 213 -3.35 -10.75 7.68
N ASP B 214 -3.16 -11.95 7.16
CA ASP B 214 -2.95 -12.13 5.72
C ASP B 214 -3.71 -13.32 5.15
N VAL B 215 -4.80 -13.01 4.44
CA VAL B 215 -5.70 -14.00 3.84
C VAL B 215 -5.86 -13.77 2.34
N ILE B 216 -6.25 -14.84 1.64
CA ILE B 216 -6.53 -14.81 0.21
C ILE B 216 -7.79 -15.63 0.16
N GLN B 217 -8.82 -15.02 -0.41
CA GLN B 217 -10.13 -15.62 -0.53
C GLN B 217 -10.54 -15.61 -1.99
N VAL B 218 -10.79 -16.79 -2.54
CA VAL B 218 -11.20 -16.90 -3.93
C VAL B 218 -12.68 -17.27 -3.94
N VAL B 219 -13.45 -16.69 -4.84
CA VAL B 219 -14.88 -17.04 -4.96
C VAL B 219 -15.06 -17.75 -6.29
N ILE B 220 -15.87 -18.79 -6.32
CA ILE B 220 -16.07 -19.49 -7.57
C ILE B 220 -17.52 -19.85 -7.80
N ASP B 221 -18.26 -18.90 -8.36
CA ASP B 221 -19.69 -19.03 -8.66
C ASP B 221 -19.99 -18.59 -10.09
N HIS B 222 -20.93 -17.64 -10.21
CA HIS B 222 -21.35 -17.09 -11.48
C HIS B 222 -20.38 -15.98 -11.87
N ASN B 223 -19.52 -15.64 -10.92
CA ASN B 223 -18.49 -14.63 -11.12
C ASN B 223 -17.29 -15.24 -10.45
N VAL B 224 -16.10 -14.95 -10.94
CA VAL B 224 -14.91 -15.47 -10.29
C VAL B 224 -14.17 -14.22 -9.78
N GLY B 225 -13.45 -14.36 -8.67
CA GLY B 225 -12.74 -13.22 -8.14
C GLY B 225 -11.97 -13.60 -6.91
N ALA B 226 -11.32 -12.62 -6.26
CA ALA B 226 -10.55 -12.89 -5.07
C ALA B 226 -10.28 -11.66 -4.24
N GLY B 227 -10.56 -11.76 -2.96
CA GLY B 227 -10.31 -10.65 -2.05
C GLY B 227 -9.04 -10.99 -1.30
N VAL B 228 -8.24 -9.97 -0.98
CA VAL B 228 -6.97 -10.17 -0.30
C VAL B 228 -6.88 -9.30 0.93
N ILE B 229 -6.33 -9.83 2.01
CA ILE B 229 -6.17 -9.03 3.22
C ILE B 229 -4.70 -8.91 3.53
N THR B 230 -4.17 -7.69 3.48
CA THR B 230 -2.75 -7.48 3.75
C THR B 230 -2.55 -6.79 5.09
N ASP B 231 -1.77 -7.44 5.95
CA ASP B 231 -1.48 -6.96 7.29
C ASP B 231 -2.69 -6.37 8.01
N GLY B 232 -3.78 -7.13 8.01
CA GLY B 232 -4.98 -6.70 8.68
C GLY B 232 -5.89 -5.80 7.85
N HIS B 233 -5.34 -5.16 6.84
CA HIS B 233 -6.12 -4.26 6.01
C HIS B 233 -6.62 -4.99 4.77
N LEU B 234 -7.78 -4.56 4.26
CA LEU B 234 -8.37 -5.14 3.06
C LEU B 234 -7.69 -4.43 1.87
N LEU B 235 -7.00 -5.19 1.01
CA LEU B 235 -6.33 -4.60 -0.13
C LEU B 235 -7.28 -3.92 -1.08
N HIS B 236 -7.03 -2.65 -1.36
CA HIS B 236 -7.83 -1.88 -2.28
C HIS B 236 -7.10 -1.92 -3.62
N ALA B 237 -7.34 -0.93 -4.45
CA ALA B 237 -6.70 -0.86 -5.75
C ALA B 237 -6.22 0.58 -6.01
N GLY B 238 -5.69 0.82 -7.21
CA GLY B 238 -5.21 2.15 -7.56
C GLY B 238 -6.35 3.13 -7.77
N SER B 239 -6.51 4.05 -6.83
CA SER B 239 -7.58 5.03 -6.89
C SER B 239 -8.88 4.34 -6.44
N SER B 240 -8.72 3.35 -5.57
CA SER B 240 -9.85 2.56 -5.06
C SER B 240 -10.61 1.99 -6.25
N SER B 241 -9.94 1.26 -7.11
CA SER B 241 -10.62 0.76 -8.28
C SER B 241 -11.05 -0.70 -8.24
N LEU B 242 -10.84 -1.35 -7.10
CA LEU B 242 -11.26 -2.75 -6.93
C LEU B 242 -10.36 -3.74 -7.64
N VAL B 243 -10.26 -4.95 -7.08
CA VAL B 243 -9.41 -5.97 -7.65
C VAL B 243 -10.18 -6.84 -8.62
N GLU B 244 -9.84 -6.71 -9.89
CA GLU B 244 -10.49 -7.49 -10.95
C GLU B 244 -9.64 -8.68 -11.34
N ILE B 245 -9.24 -9.47 -10.34
CA ILE B 245 -8.39 -10.62 -10.56
C ILE B 245 -9.10 -11.68 -11.41
N GLY B 246 -10.42 -11.60 -11.41
CA GLY B 246 -11.22 -12.53 -12.16
C GLY B 246 -11.09 -12.32 -13.66
N HIS B 247 -10.56 -11.18 -14.07
CA HIS B 247 -10.39 -10.86 -15.50
C HIS B 247 -8.95 -10.98 -16.02
N THR B 248 -8.20 -11.94 -15.48
CA THR B 248 -6.83 -12.21 -15.88
C THR B 248 -6.97 -13.29 -16.93
N GLN B 249 -6.41 -13.10 -18.12
CA GLN B 249 -6.55 -14.12 -19.16
C GLN B 249 -5.91 -15.45 -18.79
N VAL B 250 -6.66 -16.55 -18.95
CA VAL B 250 -6.15 -17.89 -18.65
C VAL B 250 -6.15 -18.76 -19.89
N ASP B 251 -6.99 -18.38 -20.87
CA ASP B 251 -7.09 -19.12 -22.12
C ASP B 251 -7.14 -18.09 -23.21
N PRO B 252 -6.03 -17.97 -23.98
CA PRO B 252 -5.92 -17.01 -25.07
C PRO B 252 -6.95 -17.19 -26.20
N TYR B 253 -7.66 -18.31 -26.18
CA TYR B 253 -8.68 -18.59 -27.20
C TYR B 253 -10.11 -18.67 -26.66
N GLY B 254 -10.28 -18.49 -25.36
CA GLY B 254 -11.61 -18.55 -24.76
C GLY B 254 -12.64 -17.58 -25.34
N LYS B 255 -13.86 -17.62 -24.78
CA LYS B 255 -14.96 -16.78 -25.24
C LYS B 255 -14.97 -15.32 -24.73
N ARG B 256 -15.68 -14.47 -25.46
CA ARG B 256 -15.81 -13.05 -25.13
C ARG B 256 -16.22 -12.85 -23.68
N CYS B 257 -15.82 -11.73 -23.11
CA CYS B 257 -16.15 -11.43 -21.73
C CYS B 257 -16.74 -10.02 -21.65
N TYR B 258 -17.67 -9.80 -20.72
CA TYR B 258 -18.30 -8.50 -20.61
C TYR B 258 -17.33 -7.38 -20.38
N CYS B 259 -16.09 -7.70 -20.00
CA CYS B 259 -15.10 -6.65 -19.78
C CYS B 259 -14.55 -6.24 -21.13
N GLY B 260 -14.94 -6.94 -22.18
CA GLY B 260 -14.44 -6.58 -23.49
C GLY B 260 -13.29 -7.44 -23.92
N ASN B 261 -12.63 -8.09 -22.97
CA ASN B 261 -11.50 -8.96 -23.31
C ASN B 261 -12.05 -10.36 -23.61
N HIS B 262 -11.21 -11.38 -23.54
CA HIS B 262 -11.68 -12.74 -23.76
C HIS B 262 -10.72 -13.75 -23.16
N GLY B 263 -11.25 -14.90 -22.77
CA GLY B 263 -10.38 -15.91 -22.19
C GLY B 263 -10.14 -15.68 -20.70
N CYS B 264 -10.79 -14.66 -20.16
CA CYS B 264 -10.66 -14.31 -18.75
C CYS B 264 -10.87 -15.50 -17.81
N LEU B 265 -10.52 -15.32 -16.54
CA LEU B 265 -10.67 -16.37 -15.53
C LEU B 265 -12.15 -16.57 -15.30
N GLU B 266 -12.88 -15.47 -15.23
CA GLU B 266 -14.31 -15.55 -15.03
C GLU B 266 -14.98 -16.28 -16.20
N THR B 267 -14.27 -16.42 -17.30
CA THR B 267 -14.83 -17.10 -18.45
C THR B 267 -14.60 -18.63 -18.43
N ILE B 268 -13.52 -19.08 -17.79
CA ILE B 268 -13.23 -20.50 -17.73
C ILE B 268 -13.71 -21.16 -16.44
N ALA B 269 -13.47 -20.53 -15.30
CA ALA B 269 -13.88 -21.11 -14.02
C ALA B 269 -15.27 -20.74 -13.56
N SER B 270 -15.94 -19.86 -14.30
CA SER B 270 -17.31 -19.48 -13.94
C SER B 270 -18.16 -20.73 -13.91
N VAL B 271 -18.78 -21.01 -12.78
CA VAL B 271 -19.61 -22.19 -12.66
C VAL B 271 -20.45 -22.48 -13.92
N ASP B 272 -21.03 -21.45 -14.53
CA ASP B 272 -21.84 -21.68 -15.74
C ASP B 272 -21.00 -22.34 -16.83
N SER B 273 -19.84 -21.76 -17.11
CA SER B 273 -18.98 -22.28 -18.15
C SER B 273 -18.58 -23.72 -17.91
N ILE B 274 -18.43 -24.08 -16.64
CA ILE B 274 -18.06 -25.44 -16.30
C ILE B 274 -19.10 -26.40 -16.86
N LEU B 275 -20.36 -26.13 -16.53
CA LEU B 275 -21.54 -26.91 -16.93
C LEU B 275 -21.78 -26.78 -18.41
N GLU B 276 -21.52 -25.59 -18.94
CA GLU B 276 -21.69 -25.38 -20.35
C GLU B 276 -20.65 -26.29 -21.05
N LEU B 277 -19.43 -26.33 -20.51
CA LEU B 277 -18.38 -27.17 -21.08
C LEU B 277 -18.74 -28.64 -20.88
N ALA B 278 -19.36 -28.97 -19.76
CA ALA B 278 -19.70 -30.36 -19.55
C ALA B 278 -20.84 -30.68 -20.51
N GLN B 279 -21.86 -29.82 -20.51
CA GLN B 279 -23.00 -30.00 -21.39
C GLN B 279 -22.64 -30.12 -22.88
N LEU B 280 -21.74 -29.28 -23.38
CA LEU B 280 -21.34 -29.36 -24.79
C LEU B 280 -20.63 -30.69 -25.05
N ARG B 281 -19.77 -31.08 -24.10
CA ARG B 281 -19.02 -32.32 -24.22
C ARG B 281 -19.89 -33.57 -23.99
N LEU B 282 -21.06 -33.37 -23.40
CA LEU B 282 -21.99 -34.49 -23.21
C LEU B 282 -22.74 -34.61 -24.53
N ASN B 283 -23.11 -33.47 -25.09
CA ASN B 283 -23.84 -33.44 -26.35
C ASN B 283 -23.08 -34.14 -27.46
N GLN B 284 -21.81 -34.45 -27.20
CA GLN B 284 -20.98 -35.12 -28.19
C GLN B 284 -20.84 -36.61 -27.90
N SER B 285 -19.76 -37.19 -28.44
CA SER B 285 -19.48 -38.61 -28.24
C SER B 285 -18.71 -38.73 -26.92
N MET B 286 -19.42 -38.89 -25.81
CA MET B 286 -18.73 -39.01 -24.53
C MET B 286 -19.58 -39.66 -23.46
N SER B 287 -18.90 -40.34 -22.54
CA SER B 287 -19.53 -41.06 -21.44
C SER B 287 -19.43 -40.30 -20.11
N SER B 288 -20.47 -40.38 -19.30
CA SER B 288 -20.47 -39.72 -17.98
C SER B 288 -21.66 -40.10 -17.12
N MET B 289 -21.40 -40.45 -15.86
CA MET B 289 -22.48 -40.82 -14.95
C MET B 289 -23.39 -39.62 -14.78
N LEU B 290 -23.24 -38.65 -15.68
CA LEU B 290 -24.01 -37.42 -15.67
C LEU B 290 -25.02 -37.34 -16.83
N HIS B 291 -24.94 -38.30 -17.75
CA HIS B 291 -25.85 -38.33 -18.89
C HIS B 291 -27.31 -38.32 -18.44
N GLY B 292 -27.63 -39.25 -17.54
CA GLY B 292 -28.98 -39.37 -17.01
C GLY B 292 -29.45 -38.15 -16.26
N GLN B 293 -28.90 -37.93 -15.06
CA GLN B 293 -29.28 -36.78 -14.23
C GLN B 293 -28.96 -35.44 -14.91
N PRO B 294 -29.94 -34.54 -15.01
CA PRO B 294 -29.65 -33.25 -15.65
C PRO B 294 -28.51 -32.51 -14.91
N LEU B 295 -27.73 -31.72 -15.64
CA LEU B 295 -26.60 -30.99 -15.09
C LEU B 295 -26.88 -29.83 -14.16
N THR B 296 -26.55 -30.00 -12.89
CA THR B 296 -26.72 -28.96 -11.87
C THR B 296 -25.37 -28.87 -11.17
N VAL B 297 -25.12 -27.75 -10.49
CA VAL B 297 -23.86 -27.57 -9.77
C VAL B 297 -23.66 -28.69 -8.76
N ASP B 298 -24.75 -29.18 -8.18
CA ASP B 298 -24.65 -30.26 -7.20
C ASP B 298 -24.35 -31.59 -7.86
N SER B 299 -25.10 -31.90 -8.91
CA SER B 299 -24.93 -33.16 -9.63
C SER B 299 -23.54 -33.42 -10.23
N LEU B 300 -22.82 -32.36 -10.57
CA LEU B 300 -21.49 -32.48 -11.16
C LEU B 300 -20.49 -32.94 -10.13
N CYS B 301 -20.50 -32.32 -8.96
CA CYS B 301 -19.59 -32.70 -7.89
C CYS B 301 -19.94 -34.10 -7.42
N GLN B 302 -21.22 -34.28 -7.11
CA GLN B 302 -21.72 -35.55 -6.65
C GLN B 302 -21.21 -36.68 -7.56
N ALA B 303 -21.01 -36.38 -8.84
CA ALA B 303 -20.56 -37.38 -9.82
C ALA B 303 -19.06 -37.36 -10.04
N ALA B 304 -18.42 -36.26 -9.65
CA ALA B 304 -16.98 -36.12 -9.78
C ALA B 304 -16.30 -36.92 -8.67
N LEU B 305 -17.00 -37.04 -7.54
CA LEU B 305 -16.53 -37.79 -6.39
C LEU B 305 -16.58 -39.30 -6.62
N ARG B 306 -17.56 -39.75 -7.39
CA ARG B 306 -17.73 -41.16 -7.68
C ARG B 306 -16.69 -41.64 -8.71
N GLY B 307 -15.81 -40.72 -9.12
CA GLY B 307 -14.77 -41.08 -10.07
C GLY B 307 -14.96 -40.77 -11.53
N ASP B 308 -16.11 -40.21 -11.91
CA ASP B 308 -16.34 -39.91 -13.32
C ASP B 308 -15.22 -39.10 -13.96
N LEU B 309 -14.59 -39.68 -14.97
CA LEU B 309 -13.50 -39.03 -15.63
C LEU B 309 -13.83 -37.64 -16.13
N LEU B 310 -15.10 -37.44 -16.47
CA LEU B 310 -15.49 -36.13 -16.96
C LEU B 310 -15.61 -35.08 -15.89
N ALA B 311 -16.55 -35.26 -14.96
CA ALA B 311 -16.76 -34.30 -13.87
C ALA B 311 -15.47 -34.06 -13.09
N LYS B 312 -14.75 -35.13 -12.80
CA LYS B 312 -13.52 -35.00 -12.06
C LYS B 312 -12.64 -34.01 -12.81
N ASP B 313 -12.09 -34.45 -13.94
CA ASP B 313 -11.19 -33.64 -14.76
C ASP B 313 -11.64 -32.21 -15.08
N ILE B 314 -12.94 -31.94 -14.95
CA ILE B 314 -13.46 -30.61 -15.17
C ILE B 314 -13.17 -29.81 -13.92
N ILE B 315 -13.41 -30.41 -12.77
CA ILE B 315 -13.12 -29.70 -11.55
C ILE B 315 -11.62 -29.58 -11.42
N THR B 316 -10.88 -30.69 -11.53
CA THR B 316 -9.42 -30.65 -11.43
C THR B 316 -8.93 -29.46 -12.23
N GLY B 317 -9.22 -29.47 -13.53
CA GLY B 317 -8.84 -28.37 -14.39
C GLY B 317 -9.26 -27.05 -13.76
N VAL B 318 -10.53 -26.94 -13.37
CA VAL B 318 -10.99 -25.73 -12.72
C VAL B 318 -10.04 -25.39 -11.57
N GLY B 319 -9.79 -26.41 -10.74
CA GLY B 319 -8.91 -26.25 -9.61
C GLY B 319 -7.56 -25.81 -10.12
N ALA B 320 -7.07 -26.49 -11.15
CA ALA B 320 -5.75 -26.16 -11.70
C ALA B 320 -5.65 -24.78 -12.29
N HIS B 321 -6.76 -24.24 -12.77
CA HIS B 321 -6.77 -22.90 -13.35
C HIS B 321 -6.75 -21.81 -12.33
N VAL B 322 -7.40 -22.05 -11.19
CA VAL B 322 -7.45 -21.08 -10.10
C VAL B 322 -6.16 -21.17 -9.29
N GLY B 323 -5.59 -22.37 -9.24
CA GLY B 323 -4.38 -22.58 -8.45
C GLY B 323 -3.16 -21.86 -8.99
N ARG B 324 -3.00 -21.91 -10.30
CA ARG B 324 -1.88 -21.27 -10.95
C ARG B 324 -1.86 -19.79 -10.61
N ILE B 325 -3.02 -19.17 -10.74
CA ILE B 325 -3.15 -17.74 -10.44
C ILE B 325 -2.90 -17.61 -8.93
N LEU B 326 -3.62 -18.41 -8.15
CA LEU B 326 -3.48 -18.35 -6.72
C LEU B 326 -2.05 -18.63 -6.28
N ALA B 327 -1.26 -19.25 -7.15
CA ALA B 327 0.13 -19.55 -6.79
C ALA B 327 0.95 -18.28 -6.87
N ILE B 328 0.64 -17.41 -7.82
CA ILE B 328 1.38 -16.16 -7.99
C ILE B 328 0.99 -15.21 -6.89
N MET B 329 -0.26 -15.28 -6.45
CA MET B 329 -0.70 -14.41 -5.35
C MET B 329 -0.06 -14.83 -4.01
N VAL B 330 0.28 -16.11 -3.89
CA VAL B 330 0.94 -16.61 -2.71
C VAL B 330 2.32 -15.95 -2.71
N ASN B 331 2.98 -15.94 -3.87
CA ASN B 331 4.30 -15.31 -3.95
C ASN B 331 4.29 -13.80 -3.72
N LEU B 332 3.14 -13.16 -3.86
CA LEU B 332 3.06 -11.71 -3.68
C LEU B 332 2.69 -11.34 -2.25
N PHE B 333 1.79 -12.12 -1.67
CA PHE B 333 1.31 -11.80 -0.36
C PHE B 333 1.70 -12.81 0.71
N ASN B 334 2.22 -13.94 0.30
CA ASN B 334 2.58 -14.99 1.25
C ASN B 334 1.60 -14.96 2.42
N PRO B 335 0.35 -15.36 2.16
CA PRO B 335 -0.73 -15.41 3.14
C PRO B 335 -0.60 -16.45 4.23
N GLN B 336 -1.43 -16.34 5.26
CA GLN B 336 -1.43 -17.30 6.34
C GLN B 336 -2.42 -18.38 5.98
N LYS B 337 -3.58 -17.93 5.53
CA LYS B 337 -4.68 -18.81 5.19
C LYS B 337 -5.18 -18.51 3.78
N ILE B 338 -5.67 -19.53 3.08
CA ILE B 338 -6.24 -19.36 1.76
C ILE B 338 -7.64 -19.92 1.84
N LEU B 339 -8.64 -19.10 1.52
CA LEU B 339 -10.04 -19.53 1.59
C LEU B 339 -10.75 -19.64 0.24
N ILE B 340 -11.56 -20.68 0.10
CA ILE B 340 -12.35 -20.89 -1.11
C ILE B 340 -13.82 -20.76 -0.75
N GLY B 341 -14.57 -20.04 -1.59
CA GLY B 341 -15.99 -19.86 -1.37
C GLY B 341 -16.70 -20.25 -2.67
N SER B 342 -17.18 -21.49 -2.74
CA SER B 342 -17.83 -21.92 -3.95
C SER B 342 -18.66 -23.17 -3.71
N PRO B 343 -19.69 -23.39 -4.54
CA PRO B 343 -20.52 -24.57 -4.38
C PRO B 343 -19.66 -25.79 -4.72
N LEU B 344 -18.53 -25.54 -5.39
CA LEU B 344 -17.61 -26.59 -5.80
C LEU B 344 -16.85 -27.19 -4.59
N SER B 345 -16.98 -26.56 -3.43
CA SER B 345 -16.30 -27.07 -2.26
C SER B 345 -16.99 -28.35 -1.73
N LYS B 346 -18.02 -28.81 -2.46
CA LYS B 346 -18.73 -30.05 -2.12
C LYS B 346 -17.81 -31.17 -2.59
N ALA B 347 -17.01 -30.86 -3.60
CA ALA B 347 -16.07 -31.81 -4.16
C ALA B 347 -14.71 -31.28 -3.76
N ALA B 348 -14.59 -30.94 -2.49
CA ALA B 348 -13.35 -30.40 -1.96
C ALA B 348 -12.19 -31.38 -2.11
N ASP B 349 -12.42 -32.64 -1.77
CA ASP B 349 -11.35 -33.62 -1.85
C ASP B 349 -10.78 -33.81 -3.24
N ILE B 350 -11.24 -32.99 -4.18
CA ILE B 350 -10.75 -33.07 -5.54
C ILE B 350 -10.20 -31.71 -5.88
N LEU B 351 -10.89 -30.68 -5.40
CA LEU B 351 -10.52 -29.30 -5.66
C LEU B 351 -9.33 -28.91 -4.82
N PHE B 352 -9.61 -28.63 -3.56
CA PHE B 352 -8.63 -28.21 -2.60
C PHE B 352 -7.27 -28.85 -2.80
N PRO B 353 -7.21 -30.19 -2.84
CA PRO B 353 -5.93 -30.91 -3.02
C PRO B 353 -5.22 -30.55 -4.31
N VAL B 354 -5.97 -30.02 -5.27
CA VAL B 354 -5.41 -29.64 -6.55
C VAL B 354 -4.91 -28.21 -6.44
N ILE B 355 -5.71 -27.33 -5.87
CA ILE B 355 -5.30 -25.95 -5.73
C ILE B 355 -4.02 -25.88 -4.90
N SER B 356 -3.92 -26.73 -3.89
CA SER B 356 -2.74 -26.76 -3.01
C SER B 356 -1.54 -27.31 -3.73
N ASP B 357 -1.81 -28.26 -4.60
CA ASP B 357 -0.78 -28.91 -5.39
C ASP B 357 -0.26 -27.91 -6.41
N SER B 358 -1.12 -26.99 -6.82
CA SER B 358 -0.74 -25.99 -7.82
C SER B 358 -0.02 -24.87 -7.10
N ILE B 359 -0.42 -24.66 -5.86
CA ILE B 359 0.16 -23.63 -5.04
C ILE B 359 1.58 -24.05 -4.74
N ARG B 360 1.75 -25.24 -4.18
CA ARG B 360 3.08 -25.74 -3.79
C ARG B 360 4.06 -26.14 -4.89
N GLN B 361 3.58 -26.42 -6.08
CA GLN B 361 4.50 -26.80 -7.14
C GLN B 361 5.02 -25.61 -7.94
N GLN B 362 4.37 -24.46 -7.79
CA GLN B 362 4.78 -23.25 -8.51
C GLN B 362 4.77 -21.95 -7.68
N ALA B 363 5.33 -22.03 -6.49
CA ALA B 363 5.42 -20.88 -5.60
C ALA B 363 6.59 -21.09 -4.65
N LEU B 364 7.20 -20.00 -4.23
CA LEU B 364 8.33 -20.05 -3.31
C LEU B 364 8.06 -21.01 -2.15
N PRO B 365 8.56 -22.26 -2.22
CA PRO B 365 8.38 -23.28 -1.18
C PRO B 365 8.14 -22.71 0.22
N ALA B 366 9.14 -22.07 0.79
CA ALA B 366 8.99 -21.49 2.12
C ALA B 366 7.64 -20.82 2.35
N TYR B 367 7.00 -20.39 1.28
CA TYR B 367 5.70 -19.73 1.37
C TYR B 367 4.57 -20.73 1.28
N SER B 368 4.77 -21.73 0.43
CA SER B 368 3.78 -22.76 0.20
C SER B 368 3.91 -24.01 1.06
N GLN B 369 4.97 -24.12 1.83
CA GLN B 369 5.16 -25.30 2.67
C GLN B 369 4.56 -25.16 4.08
N HIS B 370 3.65 -24.21 4.26
CA HIS B 370 2.99 -24.01 5.56
C HIS B 370 1.68 -23.29 5.32
N ILE B 371 1.11 -23.54 4.14
CA ILE B 371 -0.17 -22.96 3.73
C ILE B 371 -1.21 -24.06 3.56
N SER B 372 -2.45 -23.74 3.92
CA SER B 372 -3.53 -24.70 3.82
C SER B 372 -4.82 -24.10 3.26
N VAL B 373 -5.37 -24.78 2.24
CA VAL B 373 -6.60 -24.37 1.60
C VAL B 373 -7.75 -24.83 2.46
N GLU B 374 -8.67 -23.93 2.74
CA GLU B 374 -9.81 -24.28 3.54
C GLU B 374 -10.98 -23.52 2.95
N SER B 375 -12.18 -24.04 3.17
CA SER B 375 -13.35 -23.39 2.63
C SER B 375 -13.87 -22.34 3.57
N THR B 376 -14.48 -21.32 3.00
CA THR B 376 -15.07 -20.25 3.77
C THR B 376 -16.12 -20.94 4.62
N GLN B 377 -16.31 -20.50 5.86
CA GLN B 377 -17.32 -21.11 6.71
C GLN B 377 -18.65 -20.36 6.68
N PHE B 378 -18.79 -19.48 5.70
CA PHE B 378 -20.01 -18.68 5.50
C PHE B 378 -20.47 -18.73 4.03
N SER B 379 -21.63 -18.13 3.75
CA SER B 379 -22.21 -18.10 2.39
C SER B 379 -22.96 -16.78 2.09
N ASN B 380 -24.29 -16.86 1.95
CA ASN B 380 -25.11 -15.68 1.68
C ASN B 380 -26.48 -15.78 2.35
N MET B 384 -22.43 -11.29 3.61
CA MET B 384 -21.88 -10.08 3.03
C MET B 384 -22.34 -8.81 3.74
N ALA B 385 -22.39 -7.71 2.98
CA ALA B 385 -22.79 -6.38 3.44
C ALA B 385 -21.58 -5.46 3.72
N GLY B 386 -21.59 -4.28 3.09
CA GLY B 386 -20.53 -3.28 3.25
C GLY B 386 -19.53 -3.51 4.38
N ALA B 387 -19.88 -3.12 5.61
CA ALA B 387 -19.04 -3.30 6.81
C ALA B 387 -17.59 -2.83 6.71
N ALA B 388 -16.90 -3.28 5.65
CA ALA B 388 -15.52 -2.92 5.38
C ALA B 388 -15.40 -1.50 4.83
N LEU B 389 -16.31 -1.14 3.94
CA LEU B 389 -16.31 0.17 3.31
C LEU B 389 -16.88 1.26 4.22
N VAL B 390 -17.65 0.85 5.22
CA VAL B 390 -18.27 1.79 6.16
C VAL B 390 -17.38 2.06 7.38
N LYS B 391 -16.65 1.04 7.81
CA LYS B 391 -15.74 1.19 8.92
C LYS B 391 -14.54 1.99 8.38
N ASP B 392 -14.04 1.58 7.22
CA ASP B 392 -12.93 2.26 6.59
C ASP B 392 -13.31 3.68 6.20
N ALA B 393 -14.60 3.91 6.02
CA ALA B 393 -15.09 5.24 5.67
C ALA B 393 -14.95 6.11 6.89
N MET B 394 -15.01 5.47 8.05
CA MET B 394 -14.89 6.13 9.34
C MET B 394 -13.42 6.34 9.67
N TYR B 395 -12.63 5.31 9.37
CA TYR B 395 -11.19 5.29 9.62
C TYR B 395 -10.41 6.35 8.84
N ASN B 396 -10.73 6.50 7.56
CA ASN B 396 -10.10 7.50 6.68
C ASN B 396 -10.48 8.89 7.19
N GLY B 397 -11.61 8.96 7.91
CA GLY B 397 -12.10 10.20 8.46
C GLY B 397 -13.05 10.93 7.52
N SER B 398 -13.24 10.35 6.34
CA SER B 398 -14.12 10.92 5.32
C SER B 398 -15.55 11.05 5.82
N LEU B 399 -16.12 9.91 6.21
CA LEU B 399 -17.49 9.83 6.72
C LEU B 399 -17.57 10.45 8.11
N LEU B 400 -16.47 10.36 8.86
CA LEU B 400 -16.42 10.89 10.22
C LEU B 400 -16.63 12.40 10.27
N ILE B 401 -15.95 13.13 9.40
CA ILE B 401 -16.10 14.58 9.40
C ILE B 401 -17.55 14.95 9.12
N ARG B 402 -18.17 14.28 8.15
CA ARG B 402 -19.56 14.57 7.81
C ARG B 402 -20.49 14.14 8.96
N LEU B 403 -20.02 13.19 9.77
CA LEU B 403 -20.79 12.67 10.92
C LEU B 403 -20.53 13.47 12.20
N LEU B 404 -19.52 14.33 12.17
CA LEU B 404 -19.18 15.13 13.33
C LEU B 404 -20.14 16.30 13.53
N GLN B 405 -20.85 16.69 12.47
CA GLN B 405 -21.81 17.78 12.59
C GLN B 405 -23.20 17.18 12.78
N GLY B 406 -23.27 15.85 12.67
CA GLY B 406 -24.54 15.17 12.84
C GLY B 406 -24.49 14.12 13.94
N MET C 1 42.02 25.69 28.07
CA MET C 1 40.96 25.03 27.23
C MET C 1 41.52 24.46 25.90
N ALA C 2 42.35 25.25 25.22
CA ALA C 2 42.97 24.83 23.96
C ALA C 2 43.90 23.61 24.09
N PRO C 3 44.84 23.63 25.06
CA PRO C 3 45.74 22.48 25.22
C PRO C 3 45.06 21.15 25.58
N ALA C 4 43.86 21.22 26.19
CA ALA C 4 43.15 20.00 26.56
C ALA C 4 42.62 19.35 25.31
N LEU C 5 42.20 20.20 24.38
CA LEU C 5 41.66 19.75 23.09
C LEU C 5 42.73 19.02 22.29
N VAL C 6 43.94 19.58 22.29
CA VAL C 6 45.04 18.98 21.56
C VAL C 6 45.39 17.63 22.17
N ALA C 7 45.31 17.56 23.49
CA ALA C 7 45.65 16.35 24.20
C ALA C 7 44.63 15.28 23.90
N ALA C 8 43.36 15.64 24.04
CA ALA C 8 42.29 14.70 23.77
C ALA C 8 42.37 14.10 22.37
N PHE C 9 42.73 14.90 21.38
CA PHE C 9 42.84 14.40 20.01
C PHE C 9 44.16 13.67 19.75
N GLY C 10 45.05 13.69 20.74
CA GLY C 10 46.33 13.01 20.60
C GLY C 10 47.58 13.86 20.42
N GLY C 11 47.47 15.15 20.73
CA GLY C 11 48.63 16.03 20.63
C GLY C 11 49.08 16.30 19.20
N LYS C 12 49.78 17.42 19.01
CA LYS C 12 50.28 17.84 17.71
C LYS C 12 50.89 16.74 16.84
N GLU C 13 51.52 15.73 17.45
CA GLU C 13 52.13 14.64 16.71
C GLU C 13 51.12 13.62 16.25
N ASN C 14 49.86 14.05 16.12
CA ASN C 14 48.77 13.18 15.69
C ASN C 14 47.74 13.95 14.86
N ILE C 15 47.66 15.26 15.05
CA ILE C 15 46.72 16.09 14.30
C ILE C 15 47.31 16.37 12.92
N THR C 16 46.75 15.79 11.86
CA THR C 16 47.26 15.99 10.50
C THR C 16 46.56 17.08 9.75
N ASN C 17 45.36 17.42 10.21
CA ASN C 17 44.58 18.48 9.60
C ASN C 17 43.57 18.90 10.64
N LEU C 18 43.29 20.20 10.69
CA LEU C 18 42.38 20.74 11.68
C LEU C 18 41.50 21.84 11.08
N ASP C 19 40.20 21.57 10.99
CA ASP C 19 39.26 22.54 10.42
C ASP C 19 37.99 22.64 11.28
N ALA C 20 37.10 23.58 10.96
CA ALA C 20 35.87 23.74 11.75
C ALA C 20 34.67 24.13 10.92
N CYS C 21 33.53 23.49 11.14
CA CYS C 21 32.30 23.83 10.42
C CYS C 21 31.62 24.91 11.25
N ILE C 22 30.36 25.21 10.93
CA ILE C 22 29.59 26.21 11.67
C ILE C 22 29.14 25.63 13.03
N THR C 23 29.17 24.31 13.15
CA THR C 23 28.72 23.66 14.37
C THR C 23 29.57 22.47 14.78
N ARG C 24 30.59 22.15 14.00
CA ARG C 24 31.43 21.02 14.35
C ARG C 24 32.87 21.44 14.25
N LEU C 25 33.76 20.64 14.85
CA LEU C 25 35.20 20.90 14.85
C LEU C 25 35.92 19.75 14.18
N ARG C 26 35.94 19.76 12.86
CA ARG C 26 36.56 18.67 12.11
C ARG C 26 38.09 18.68 12.21
N VAL C 27 38.68 17.54 12.57
CA VAL C 27 40.14 17.45 12.65
C VAL C 27 40.64 16.07 12.25
N SER C 28 41.44 16.04 11.18
CA SER C 28 41.99 14.78 10.72
C SER C 28 43.06 14.31 11.69
N VAL C 29 43.23 13.00 11.79
CA VAL C 29 44.22 12.47 12.70
C VAL C 29 44.92 11.26 12.10
N ALA C 30 46.19 11.12 12.45
CA ALA C 30 47.00 10.02 11.99
C ALA C 30 46.54 8.69 12.60
N ASP C 31 46.05 8.69 13.85
CA ASP C 31 45.58 7.45 14.50
C ASP C 31 44.35 7.56 15.40
N VAL C 32 43.19 7.19 14.90
CA VAL C 32 41.95 7.30 15.68
C VAL C 32 41.97 6.66 17.05
N SER C 33 42.89 5.73 17.27
CA SER C 33 42.93 5.06 18.56
C SER C 33 43.58 5.94 19.57
N LYS C 34 44.38 6.89 19.08
CA LYS C 34 45.07 7.80 19.97
C LYS C 34 44.19 8.98 20.35
N VAL C 35 42.94 8.97 19.87
CA VAL C 35 41.98 10.02 20.18
C VAL C 35 41.05 9.61 21.33
N ASP C 36 41.07 10.43 22.38
CA ASP C 36 40.29 10.25 23.60
C ASP C 36 38.89 10.85 23.37
N GLN C 37 37.97 10.01 22.91
CA GLN C 37 36.64 10.53 22.64
C GLN C 37 35.93 10.92 23.91
N ALA C 38 36.07 10.12 24.95
CA ALA C 38 35.41 10.43 26.24
C ALA C 38 35.65 11.89 26.67
N GLY C 39 36.90 12.32 26.56
CA GLY C 39 37.27 13.68 26.92
C GLY C 39 36.61 14.69 26.03
N LEU C 40 36.70 14.52 24.72
CA LEU C 40 36.09 15.46 23.81
C LEU C 40 34.67 15.75 24.30
N LYS C 41 33.94 14.72 24.73
CA LYS C 41 32.59 14.91 25.23
C LYS C 41 32.59 15.69 26.55
N LYS C 42 33.47 15.31 27.47
CA LYS C 42 33.52 16.01 28.76
C LYS C 42 33.82 17.52 28.63
N LEU C 43 34.65 17.90 27.67
CA LEU C 43 35.01 19.29 27.48
C LEU C 43 33.82 20.13 27.00
N GLY C 44 32.90 19.49 26.29
CA GLY C 44 31.73 20.22 25.80
C GLY C 44 31.20 19.77 24.45
N ALA C 45 31.70 18.65 23.97
CA ALA C 45 31.29 18.11 22.68
C ALA C 45 29.96 17.41 22.84
N ALA C 46 29.01 17.73 21.97
CA ALA C 46 27.70 17.10 22.02
C ALA C 46 27.81 15.69 21.47
N GLY C 47 28.69 15.51 20.49
CA GLY C 47 28.87 14.20 19.91
C GLY C 47 30.16 14.10 19.13
N VAL C 48 30.69 12.89 19.02
CA VAL C 48 31.91 12.70 18.28
C VAL C 48 31.79 11.68 17.14
N VAL C 49 31.86 12.20 15.92
CA VAL C 49 31.74 11.41 14.71
C VAL C 49 33.08 11.03 14.08
N VAL C 50 33.29 9.75 13.84
CA VAL C 50 34.52 9.32 13.20
C VAL C 50 34.22 8.78 11.82
N ALA C 51 34.61 9.56 10.82
CA ALA C 51 34.41 9.19 9.42
C ALA C 51 35.78 8.99 8.78
N GLY C 52 36.23 7.73 8.75
CA GLY C 52 37.53 7.44 8.18
C GLY C 52 38.66 7.82 9.12
N SER C 53 39.37 8.90 8.83
CA SER C 53 40.46 9.36 9.66
C SER C 53 40.26 10.81 10.05
N GLY C 54 39.02 11.29 10.00
CA GLY C 54 38.75 12.67 10.36
C GLY C 54 37.71 12.72 11.46
N VAL C 55 38.12 13.13 12.66
CA VAL C 55 37.20 13.18 13.80
C VAL C 55 36.34 14.44 13.90
N GLN C 56 35.03 14.27 13.80
CA GLN C 56 34.13 15.40 13.92
C GLN C 56 33.68 15.56 15.38
N ALA C 57 34.06 16.66 16.01
CA ALA C 57 33.65 16.91 17.38
C ALA C 57 32.61 18.01 17.33
N ILE C 58 31.43 17.73 17.85
CA ILE C 58 30.32 18.69 17.84
C ILE C 58 30.31 19.65 19.00
N PHE C 59 30.75 20.87 18.76
CA PHE C 59 30.75 21.86 19.82
C PHE C 59 29.66 22.89 19.57
N GLY C 60 29.49 23.30 18.33
CA GLY C 60 28.46 24.27 18.03
C GLY C 60 29.03 25.57 17.49
N THR C 61 28.44 26.70 17.86
CA THR C 61 28.92 27.98 17.39
C THR C 61 30.38 28.16 17.82
N LYS C 62 30.68 27.71 19.02
CA LYS C 62 32.01 27.81 19.63
C LYS C 62 33.01 26.89 18.96
N SER C 63 32.80 26.58 17.68
CA SER C 63 33.71 25.68 16.99
C SER C 63 34.77 26.32 16.11
N ASP C 64 34.40 27.38 15.38
CA ASP C 64 35.35 28.07 14.52
C ASP C 64 36.32 28.86 15.40
N ASN C 65 35.96 29.00 16.68
CA ASN C 65 36.78 29.73 17.63
C ASN C 65 37.85 28.81 18.17
N LEU C 66 37.44 27.60 18.55
CA LEU C 66 38.36 26.62 19.11
C LEU C 66 39.38 26.08 18.09
N LYS C 67 39.06 26.21 16.81
CA LYS C 67 39.96 25.78 15.75
C LYS C 67 41.08 26.79 15.69
N THR C 68 40.76 28.05 16.02
CA THR C 68 41.73 29.12 16.05
C THR C 68 42.61 28.97 17.30
N GLU C 69 42.03 28.47 18.38
CA GLU C 69 42.78 28.29 19.62
C GLU C 69 43.81 27.21 19.41
N MET C 70 43.30 26.05 19.09
CA MET C 70 44.12 24.87 18.87
C MET C 70 45.21 25.16 17.88
N ASP C 71 44.92 26.10 16.98
CA ASP C 71 45.85 26.48 15.93
C ASP C 71 47.05 27.25 16.47
N GLU C 72 46.81 28.15 17.42
CA GLU C 72 47.94 28.89 17.97
C GLU C 72 48.66 28.09 19.04
N TYR C 73 47.95 27.16 19.67
CA TYR C 73 48.55 26.33 20.71
C TYR C 73 49.61 25.39 20.12
N ILE C 74 49.55 25.14 18.80
CA ILE C 74 50.51 24.28 18.11
C ILE C 74 51.68 25.16 17.67
N ARG C 75 52.10 26.07 18.54
CA ARG C 75 53.22 27.00 18.28
C ARG C 75 53.55 27.74 19.59
N MET D 1 -37.61 31.51 12.75
CA MET D 1 -36.65 30.40 12.46
C MET D 1 -37.36 29.08 12.24
N ALA D 2 -38.51 28.92 12.87
CA ALA D 2 -39.27 27.69 12.73
C ALA D 2 -40.52 27.77 11.85
N PRO D 3 -41.05 29.00 11.58
CA PRO D 3 -42.24 29.15 10.74
C PRO D 3 -41.90 28.90 9.27
N ALA D 4 -40.63 29.13 8.94
CA ALA D 4 -40.13 28.92 7.59
C ALA D 4 -39.51 27.55 7.55
N LEU D 5 -39.37 26.94 8.72
CA LEU D 5 -38.79 25.61 8.81
C LEU D 5 -39.89 24.57 8.62
N VAL D 6 -41.13 24.98 8.84
CA VAL D 6 -42.28 24.07 8.68
C VAL D 6 -42.67 24.07 7.20
N ALA D 7 -42.42 25.20 6.54
CA ALA D 7 -42.70 25.34 5.12
C ALA D 7 -41.65 24.57 4.31
N ALA D 8 -40.45 24.45 4.86
CA ALA D 8 -39.35 23.73 4.22
C ALA D 8 -39.63 22.24 4.13
N PHE D 9 -40.62 21.76 4.90
CA PHE D 9 -41.00 20.35 4.89
C PHE D 9 -42.30 20.22 4.10
N GLY D 10 -42.86 21.37 3.75
CA GLY D 10 -44.11 21.40 3.00
C GLY D 10 -45.24 22.14 3.71
N GLY D 11 -45.35 21.99 5.03
CA GLY D 11 -46.40 22.67 5.77
C GLY D 11 -47.19 21.74 6.67
N LYS D 12 -47.78 22.28 7.73
CA LYS D 12 -48.55 21.48 8.67
C LYS D 12 -49.39 20.41 7.99
N GLU D 13 -49.78 20.66 6.74
CA GLU D 13 -50.61 19.72 6.00
C GLU D 13 -49.83 18.56 5.38
N ASN D 14 -48.50 18.65 5.41
CA ASN D 14 -47.65 17.60 4.83
C ASN D 14 -46.76 16.91 5.85
N ILE D 15 -46.58 17.53 7.02
CA ILE D 15 -45.76 16.91 8.05
C ILE D 15 -46.69 16.00 8.86
N THR D 16 -46.56 14.69 8.70
CA THR D 16 -47.40 13.74 9.42
C THR D 16 -46.96 13.55 10.87
N ASN D 17 -45.65 13.58 11.08
CA ASN D 17 -45.10 13.37 12.41
C ASN D 17 -43.82 14.18 12.60
N LEU D 18 -43.82 15.03 13.62
CA LEU D 18 -42.66 15.88 13.95
C LEU D 18 -41.84 15.28 15.09
N ASP D 19 -40.59 14.91 14.80
CA ASP D 19 -39.74 14.33 15.81
C ASP D 19 -38.30 14.82 15.71
N ALA D 20 -37.50 14.54 16.74
CA ALA D 20 -36.09 14.98 16.78
C ALA D 20 -35.26 14.25 17.84
N CYS D 21 -34.06 13.82 17.45
CA CYS D 21 -33.17 13.14 18.38
C CYS D 21 -32.26 14.19 19.01
N ILE D 22 -30.99 13.84 19.23
CA ILE D 22 -30.03 14.76 19.85
C ILE D 22 -29.44 15.81 18.89
N THR D 23 -29.09 15.37 17.68
CA THR D 23 -28.51 16.27 16.69
C THR D 23 -29.21 16.34 15.32
N ARG D 24 -30.16 15.44 15.08
CA ARG D 24 -30.89 15.45 13.82
C ARG D 24 -32.33 15.91 14.08
N LEU D 25 -33.14 16.01 13.02
CA LEU D 25 -34.52 16.44 13.14
C LEU D 25 -35.41 15.52 12.32
N ARG D 26 -35.32 14.22 12.62
CA ARG D 26 -36.08 13.20 11.91
C ARG D 26 -37.60 13.48 11.82
N VAL D 27 -38.02 14.21 10.77
CA VAL D 27 -39.42 14.53 10.56
C VAL D 27 -40.00 13.65 9.44
N SER D 28 -41.16 13.04 9.66
CA SER D 28 -41.78 12.18 8.66
C SER D 28 -42.88 12.91 7.90
N VAL D 29 -42.69 13.07 6.60
CA VAL D 29 -43.66 13.75 5.77
C VAL D 29 -44.59 12.80 5.02
N ALA D 30 -45.56 13.41 4.33
CA ALA D 30 -46.55 12.69 3.55
C ALA D 30 -46.11 12.69 2.08
N ASP D 31 -45.34 13.73 1.71
CA ASP D 31 -44.82 13.83 0.36
C ASP D 31 -43.44 14.48 0.26
N VAL D 32 -42.44 13.66 -0.03
CA VAL D 32 -41.06 14.12 -0.13
C VAL D 32 -40.86 15.11 -1.27
N SER D 33 -41.76 15.08 -2.25
CA SER D 33 -41.64 15.98 -3.38
C SER D 33 -41.66 17.42 -2.88
N LYS D 34 -42.49 17.65 -1.86
CA LYS D 34 -42.69 18.97 -1.29
C LYS D 34 -41.60 19.47 -0.33
N VAL D 35 -40.63 18.60 -0.04
CA VAL D 35 -39.53 18.95 0.86
C VAL D 35 -38.49 19.84 0.19
N ASP D 36 -38.32 21.02 0.75
CA ASP D 36 -37.40 22.02 0.23
C ASP D 36 -35.98 21.72 0.71
N GLN D 37 -35.16 21.17 -0.17
CA GLN D 37 -33.78 20.82 0.15
C GLN D 37 -32.89 22.05 0.35
N ALA D 38 -33.10 23.07 -0.47
CA ALA D 38 -32.31 24.30 -0.39
C ALA D 38 -32.55 25.01 0.94
N GLY D 39 -33.78 25.49 1.13
CA GLY D 39 -34.18 26.20 2.33
C GLY D 39 -33.76 25.55 3.63
N LEU D 40 -33.83 24.22 3.70
CA LEU D 40 -33.42 23.53 4.90
C LEU D 40 -31.93 23.77 5.12
N LYS D 41 -31.14 23.50 4.09
CA LYS D 41 -29.70 23.66 4.15
C LYS D 41 -29.23 25.11 4.27
N LYS D 42 -30.06 26.03 3.77
CA LYS D 42 -29.74 27.45 3.83
C LYS D 42 -30.28 28.04 5.13
N LEU D 43 -30.65 27.17 6.06
CA LEU D 43 -31.17 27.63 7.33
C LEU D 43 -30.34 27.05 8.45
N GLY D 44 -29.38 26.19 8.09
CA GLY D 44 -28.52 25.58 9.09
C GLY D 44 -28.17 24.13 8.86
N ALA D 45 -29.04 23.41 8.16
CA ALA D 45 -28.82 22.00 7.87
C ALA D 45 -27.47 21.71 7.18
N ALA D 46 -26.73 20.74 7.71
CA ALA D 46 -25.44 20.35 7.14
C ALA D 46 -25.66 19.20 6.15
N GLY D 47 -26.89 18.71 6.13
CA GLY D 47 -27.25 17.63 5.22
C GLY D 47 -28.71 17.27 5.44
N VAL D 48 -29.38 16.77 4.40
CA VAL D 48 -30.78 16.35 4.51
C VAL D 48 -30.87 14.91 4.03
N VAL D 49 -31.26 14.02 4.93
CA VAL D 49 -31.37 12.61 4.57
C VAL D 49 -32.83 12.29 4.22
N VAL D 50 -33.07 11.83 3.00
CA VAL D 50 -34.44 11.48 2.58
C VAL D 50 -34.55 9.97 2.42
N ALA D 51 -34.54 9.25 3.53
CA ALA D 51 -34.65 7.80 3.47
C ALA D 51 -36.13 7.41 3.55
N GLY D 52 -36.73 7.08 2.41
CA GLY D 52 -38.13 6.68 2.40
C GLY D 52 -39.17 7.77 2.53
N SER D 53 -39.89 7.80 3.65
CA SER D 53 -40.92 8.80 3.86
C SER D 53 -40.57 9.74 5.01
N GLY D 54 -39.39 9.55 5.58
CA GLY D 54 -38.96 10.40 6.67
C GLY D 54 -37.70 11.19 6.35
N VAL D 55 -37.75 12.49 6.59
CA VAL D 55 -36.62 13.38 6.35
C VAL D 55 -35.86 13.51 7.67
N GLN D 56 -34.58 13.81 7.60
CA GLN D 56 -33.75 13.96 8.79
C GLN D 56 -32.88 15.19 8.58
N ALA D 57 -33.32 16.32 9.12
CA ALA D 57 -32.58 17.59 8.96
C ALA D 57 -31.41 17.74 9.92
N ILE D 58 -30.19 17.87 9.39
CA ILE D 58 -29.00 17.99 10.23
C ILE D 58 -28.63 19.41 10.64
N PHE D 59 -29.19 19.85 11.77
CA PHE D 59 -28.93 21.18 12.30
C PHE D 59 -28.00 21.20 13.53
N GLY D 60 -28.02 20.13 14.32
CA GLY D 60 -27.17 20.03 15.49
C GLY D 60 -27.91 20.00 16.81
N THR D 61 -27.35 20.68 17.81
CA THR D 61 -27.95 20.74 19.15
C THR D 61 -29.26 21.54 19.09
N LYS D 62 -29.38 22.38 18.06
CA LYS D 62 -30.58 23.23 17.88
C LYS D 62 -31.78 22.37 17.47
N SER D 63 -31.50 21.14 17.08
CA SER D 63 -32.52 20.19 16.66
C SER D 63 -33.54 19.92 17.79
N ASP D 64 -33.04 19.41 18.90
CA ASP D 64 -33.91 19.10 20.03
C ASP D 64 -34.76 20.30 20.37
N ASN D 65 -34.27 21.50 20.05
CA ASN D 65 -34.99 22.72 20.34
C ASN D 65 -35.93 23.08 19.17
N LEU D 66 -35.44 22.93 17.95
CA LEU D 66 -36.22 23.25 16.75
C LEU D 66 -37.49 22.43 16.58
N LYS D 67 -37.48 21.19 17.03
CA LYS D 67 -38.66 20.36 16.92
C LYS D 67 -39.77 20.97 17.78
N THR D 68 -39.36 21.64 18.86
CA THR D 68 -40.30 22.29 19.79
C THR D 68 -40.83 23.60 19.22
N GLU D 69 -39.95 24.34 18.55
CA GLU D 69 -40.30 25.62 17.96
C GLU D 69 -41.33 25.45 16.84
N MET D 70 -41.21 24.35 16.11
CA MET D 70 -42.10 24.07 15.01
C MET D 70 -43.47 23.56 15.45
N ASP D 71 -43.53 22.92 16.62
CA ASP D 71 -44.80 22.41 17.13
C ASP D 71 -45.66 23.56 17.66
N GLU D 72 -45.02 24.64 18.08
CA GLU D 72 -45.74 25.80 18.59
C GLU D 72 -46.30 26.64 17.44
N TYR D 73 -45.75 26.48 16.24
CA TYR D 73 -46.23 27.23 15.09
C TYR D 73 -47.51 26.61 14.50
N ILE D 74 -48.36 26.12 15.40
CA ILE D 74 -49.65 25.52 15.03
C ILE D 74 -50.71 26.10 15.95
N ARG D 75 -50.32 26.31 17.20
CA ARG D 75 -51.18 26.87 18.23
C ARG D 75 -50.76 28.32 18.53
#